data_7DFN
#
_entry.id   7DFN
#
_cell.length_a   134.233
_cell.length_b   134.233
_cell.length_c   72.235
_cell.angle_alpha   90.000
_cell.angle_beta   90.000
_cell.angle_gamma   120.000
#
_symmetry.space_group_name_H-M   'P 32 2 1'
#
loop_
_entity.id
_entity.type
_entity.pdbx_description
1 polymer Endo-1,4-beta-xylanase
2 branched alpha-L-arabinofuranose-(1-3)-[beta-D-xylopyranose-(1-4)]beta-D-xylopyranose-(1-4)-beta-D-xylopyranose-(1-4)-beta-D-xylopyranose
3 non-polymer 'CHLORIDE ION'
4 non-polymer 'SODIUM ION'
5 water water
#
_entity_poly.entity_id   1
_entity_poly.type   'polypeptide(L)'
_entity_poly.pdbx_seq_one_letter_code
;MATVITTNQTGTNNGFYYSFWTDGGGSVSMTLNSGGNYSTSWTNCGNFVAGKGWSNGGRRNVQYSGSFYPSGNGYLALYG
WTSNPLVEYYIVDNWGNYRPTGTYKGTVTSDGGTYDVYQTTRYNAPSVEGTKTFNQYWSVRQSKRTGGTITTGNHFDAWA
RYGMQLGSFSYYMILATEGYQSSGSSNLTVSGKLAAALEHHHHHH
;
_entity_poly.pdbx_strand_id   A,B,C,D
#
loop_
_chem_comp.id
_chem_comp.type
_chem_comp.name
_chem_comp.formula
AHR L-saccharide, alpha linking alpha-L-arabinofuranose 'C5 H10 O5'
CL non-polymer 'CHLORIDE ION' 'Cl -1'
NA non-polymer 'SODIUM ION' 'Na 1'
XYP D-saccharide, beta linking beta-D-xylopyranose 'C5 H10 O5'
#
# COMPACT_ATOMS: atom_id res chain seq x y z
N ALA A 2 -14.80 -29.40 8.88
CA ALA A 2 -13.74 -29.50 7.83
C ALA A 2 -13.72 -30.92 7.25
N THR A 3 -13.20 -31.04 6.03
CA THR A 3 -13.12 -32.28 5.23
C THR A 3 -11.68 -32.40 4.72
N VAL A 4 -11.00 -33.51 4.99
CA VAL A 4 -9.61 -33.76 4.51
C VAL A 4 -9.70 -34.62 3.26
N ILE A 5 -9.04 -34.17 2.18
CA ILE A 5 -9.08 -34.75 0.81
C ILE A 5 -7.68 -35.29 0.53
N THR A 6 -7.55 -36.55 0.11
CA THR A 6 -6.23 -37.13 -0.23
C THR A 6 -6.33 -37.90 -1.54
N THR A 7 -7.47 -37.80 -2.22
CA THR A 7 -7.89 -38.59 -3.41
C THR A 7 -8.34 -37.66 -4.53
N ASN A 8 -7.96 -37.93 -5.76
CA ASN A 8 -8.38 -37.09 -6.91
C ASN A 8 -9.90 -37.04 -6.96
N GLN A 9 -10.42 -35.83 -7.10
CA GLN A 9 -11.87 -35.53 -7.11
C GLN A 9 -12.06 -34.02 -7.33
N THR A 10 -13.23 -33.66 -7.84
CA THR A 10 -13.75 -32.29 -7.81
C THR A 10 -15.10 -32.33 -7.09
N GLY A 11 -15.56 -31.18 -6.60
CA GLY A 11 -16.89 -31.06 -6.01
C GLY A 11 -17.08 -29.67 -5.47
N THR A 12 -18.05 -29.52 -4.59
CA THR A 12 -18.42 -28.24 -3.94
C THR A 12 -18.29 -28.39 -2.43
N ASN A 13 -17.80 -27.34 -1.78
CA ASN A 13 -17.57 -27.26 -0.32
C ASN A 13 -17.89 -25.83 0.13
N ASN A 14 -18.88 -25.68 1.02
CA ASN A 14 -19.25 -24.40 1.66
C ASN A 14 -19.37 -23.30 0.62
N GLY A 15 -19.98 -23.61 -0.52
CA GLY A 15 -20.37 -22.63 -1.56
C GLY A 15 -19.33 -22.46 -2.66
N PHE A 16 -18.16 -23.10 -2.54
CA PHE A 16 -17.04 -23.00 -3.53
C PHE A 16 -16.79 -24.36 -4.19
N TYR A 17 -16.53 -24.32 -5.50
CA TYR A 17 -15.99 -25.48 -6.24
C TYR A 17 -14.60 -25.77 -5.70
N TYR A 18 -14.19 -27.03 -5.73
CA TYR A 18 -12.77 -27.39 -5.43
C TYR A 18 -12.31 -28.48 -6.41
N SER A 19 -10.99 -28.54 -6.62
CA SER A 19 -10.32 -29.63 -7.35
C SER A 19 -9.05 -30.05 -6.61
N PHE A 20 -8.85 -31.35 -6.50
CA PHE A 20 -7.64 -31.98 -5.94
C PHE A 20 -7.19 -33.01 -6.97
N TRP A 21 -5.97 -32.85 -7.46
CA TRP A 21 -5.28 -33.83 -8.32
C TRP A 21 -3.85 -34.02 -7.83
N THR A 22 -3.45 -35.28 -7.70
CA THR A 22 -2.06 -35.72 -7.38
C THR A 22 -1.68 -36.83 -8.34
N ASP A 23 -0.40 -36.97 -8.69
CA ASP A 23 0.07 -38.18 -9.43
C ASP A 23 0.25 -39.32 -8.41
N GLY A 24 0.09 -39.05 -7.11
CA GLY A 24 0.14 -40.09 -6.06
C GLY A 24 1.49 -40.19 -5.37
N GLY A 25 2.49 -39.41 -5.77
CA GLY A 25 3.81 -39.37 -5.08
C GLY A 25 3.74 -38.85 -3.64
N GLY A 26 4.60 -39.38 -2.76
CA GLY A 26 4.82 -38.90 -1.38
C GLY A 26 3.54 -38.83 -0.58
N SER A 27 3.31 -37.69 0.07
CA SER A 27 2.14 -37.41 0.95
C SER A 27 1.56 -36.04 0.60
N VAL A 28 0.28 -36.00 0.25
CA VAL A 28 -0.42 -34.77 -0.14
C VAL A 28 -1.83 -34.84 0.43
N SER A 29 -2.20 -33.84 1.22
CA SER A 29 -3.59 -33.64 1.69
C SER A 29 -4.00 -32.20 1.44
N MET A 30 -5.32 -32.04 1.36
CA MET A 30 -6.00 -30.74 1.35
C MET A 30 -7.09 -30.77 2.42
N THR A 31 -7.20 -29.72 3.22
CA THR A 31 -8.33 -29.55 4.18
C THR A 31 -9.25 -28.48 3.64
N LEU A 32 -10.55 -28.78 3.56
CA LEU A 32 -11.57 -27.82 3.12
C LEU A 32 -12.24 -27.26 4.38
N ASN A 33 -12.16 -25.95 4.59
CA ASN A 33 -12.74 -25.26 5.77
C ASN A 33 -13.90 -24.38 5.31
N SER A 34 -14.35 -23.50 6.19
CA SER A 34 -15.54 -22.65 5.92
C SER A 34 -15.28 -21.74 4.73
N GLY A 35 -16.37 -21.40 4.05
CA GLY A 35 -16.38 -20.50 2.89
C GLY A 35 -15.28 -20.89 1.91
N GLY A 36 -14.47 -19.91 1.54
CA GLY A 36 -13.43 -20.11 0.51
C GLY A 36 -12.10 -20.54 1.09
N ASN A 37 -12.05 -21.05 2.34
CA ASN A 37 -10.77 -21.47 2.99
C ASN A 37 -10.43 -22.92 2.65
N TYR A 38 -9.13 -23.14 2.46
CA TYR A 38 -8.53 -24.48 2.32
C TYR A 38 -7.07 -24.38 2.76
N SER A 39 -6.52 -25.49 3.20
CA SER A 39 -5.07 -25.60 3.43
C SER A 39 -4.59 -26.86 2.71
N THR A 40 -3.28 -26.92 2.50
CA THR A 40 -2.64 -28.11 1.93
C THR A 40 -1.41 -28.38 2.79
N SER A 41 -1.01 -29.64 2.80
CA SER A 41 0.22 -30.11 3.44
C SER A 41 0.82 -31.16 2.50
N TRP A 42 2.09 -31.06 2.17
CA TRP A 42 2.72 -32.03 1.27
C TRP A 42 4.14 -32.31 1.72
N THR A 43 4.56 -33.56 1.59
CA THR A 43 5.93 -34.05 1.89
C THR A 43 6.41 -34.88 0.71
N ASN A 44 7.52 -34.47 0.10
CA ASN A 44 8.19 -35.17 -1.02
C ASN A 44 7.15 -35.60 -2.05
N CYS A 45 6.34 -34.67 -2.56
CA CYS A 45 5.27 -34.96 -3.54
C CYS A 45 5.90 -35.35 -4.88
N GLY A 46 5.09 -35.89 -5.76
CA GLY A 46 5.44 -35.95 -7.18
C GLY A 46 4.95 -34.67 -7.80
N ASN A 47 3.69 -34.67 -8.17
CA ASN A 47 3.03 -33.48 -8.74
C ASN A 47 1.61 -33.46 -8.19
N PHE A 48 1.18 -32.31 -7.69
CA PHE A 48 -0.24 -32.07 -7.35
C PHE A 48 -0.61 -30.62 -7.66
N VAL A 49 -1.91 -30.43 -7.84
CA VAL A 49 -2.59 -29.12 -7.99
C VAL A 49 -3.91 -29.24 -7.24
N ALA A 50 -4.17 -28.34 -6.30
CA ALA A 50 -5.40 -28.35 -5.48
C ALA A 50 -5.81 -26.91 -5.12
N GLY A 51 -7.12 -26.65 -5.06
CA GLY A 51 -7.61 -25.38 -4.55
C GLY A 51 -9.11 -25.20 -4.70
N LYS A 52 -9.61 -24.05 -4.23
CA LYS A 52 -11.03 -23.67 -4.29
C LYS A 52 -11.18 -22.54 -5.31
N GLY A 53 -12.40 -22.42 -5.84
CA GLY A 53 -12.77 -21.40 -6.81
C GLY A 53 -14.14 -21.70 -7.39
N TRP A 54 -14.21 -21.87 -8.70
CA TRP A 54 -15.48 -21.81 -9.49
C TRP A 54 -15.53 -22.99 -10.46
N SER A 55 -16.71 -23.57 -10.66
CA SER A 55 -16.93 -24.69 -11.62
C SER A 55 -16.62 -24.26 -13.06
N ASN A 56 -16.72 -22.97 -13.40
CA ASN A 56 -16.40 -22.46 -14.75
C ASN A 56 -15.58 -21.17 -14.60
N GLY A 57 -14.56 -20.97 -15.44
CA GLY A 57 -13.74 -19.74 -15.42
C GLY A 57 -14.49 -18.58 -16.04
N GLY A 58 -13.85 -17.42 -16.11
CA GLY A 58 -14.46 -16.18 -16.62
C GLY A 58 -13.72 -14.97 -16.13
N ARG A 59 -14.15 -13.80 -16.58
CA ARG A 59 -13.54 -12.51 -16.15
C ARG A 59 -14.06 -12.26 -14.74
N ARG A 60 -13.18 -12.33 -13.75
CA ARG A 60 -13.54 -12.29 -12.32
C ARG A 60 -12.47 -11.47 -11.61
N ASN A 61 -12.86 -10.58 -10.71
CA ASN A 61 -11.91 -9.92 -9.79
C ASN A 61 -11.76 -10.86 -8.60
N VAL A 62 -10.74 -11.72 -8.65
CA VAL A 62 -10.51 -12.75 -7.60
C VAL A 62 -9.81 -12.09 -6.43
N GLN A 63 -10.32 -12.23 -5.21
CA GLN A 63 -9.62 -11.73 -3.99
C GLN A 63 -9.19 -12.95 -3.21
N TYR A 64 -7.96 -12.97 -2.73
CA TYR A 64 -7.46 -14.09 -1.91
C TYR A 64 -6.50 -13.55 -0.87
N SER A 65 -6.36 -14.31 0.19
CA SER A 65 -5.35 -14.05 1.22
C SER A 65 -4.88 -15.38 1.83
N GLY A 66 -3.79 -15.32 2.58
CA GLY A 66 -3.35 -16.40 3.47
C GLY A 66 -1.86 -16.64 3.32
N SER A 67 -1.45 -17.90 3.40
CA SER A 67 -0.02 -18.26 3.48
C SER A 67 0.29 -19.33 2.43
N PHE A 68 1.51 -19.31 1.93
CA PHE A 68 2.04 -20.21 0.89
C PHE A 68 3.54 -20.38 1.17
N TYR A 69 3.94 -21.57 1.56
CA TYR A 69 5.28 -21.89 2.12
C TYR A 69 5.78 -23.17 1.47
N PRO A 70 6.31 -23.06 0.25
CA PRO A 70 6.96 -24.20 -0.39
C PRO A 70 8.40 -24.35 0.11
N SER A 71 8.83 -25.59 0.36
CA SER A 71 10.26 -25.96 0.47
C SER A 71 10.67 -26.65 -0.83
N GLY A 72 11.19 -25.86 -1.74
CA GLY A 72 11.48 -26.29 -3.11
C GLY A 72 10.39 -25.81 -4.05
N ASN A 73 10.12 -26.59 -5.08
CA ASN A 73 9.30 -26.17 -6.25
C ASN A 73 7.81 -26.26 -5.87
N GLY A 74 7.16 -25.10 -5.73
CA GLY A 74 5.69 -24.98 -5.65
C GLY A 74 5.22 -23.72 -6.36
N TYR A 75 3.96 -23.68 -6.81
CA TYR A 75 3.33 -22.47 -7.41
C TYR A 75 2.05 -22.11 -6.64
N LEU A 76 1.84 -20.80 -6.51
CA LEU A 76 0.57 -20.15 -6.13
C LEU A 76 0.01 -19.49 -7.37
N ALA A 77 -1.11 -19.98 -7.91
CA ALA A 77 -1.63 -19.46 -9.19
C ALA A 77 -3.16 -19.51 -9.24
N LEU A 78 -3.76 -18.48 -9.81
CA LEU A 78 -5.12 -18.61 -10.39
C LEU A 78 -4.94 -19.52 -11.60
N TYR A 79 -5.68 -20.63 -11.65
CA TYR A 79 -5.40 -21.83 -12.49
C TYR A 79 -6.72 -22.36 -13.05
N GLY A 80 -6.73 -22.72 -14.32
CA GLY A 80 -7.90 -23.46 -14.84
C GLY A 80 -7.70 -23.86 -16.26
N TRP A 81 -8.80 -24.16 -16.95
CA TRP A 81 -8.74 -24.79 -18.29
C TRP A 81 -9.85 -24.25 -19.19
N THR A 82 -9.58 -24.26 -20.49
CA THR A 82 -10.60 -23.97 -21.54
C THR A 82 -10.75 -25.20 -22.43
N SER A 83 -11.81 -25.21 -23.24
CA SER A 83 -12.00 -26.24 -24.31
C SER A 83 -12.01 -25.48 -25.63
N ASN A 84 -11.64 -26.11 -26.74
CA ASN A 84 -11.82 -25.55 -28.11
C ASN A 84 -11.17 -24.18 -28.29
N PRO A 85 -9.85 -24.02 -28.08
CA PRO A 85 -8.95 -25.15 -27.76
C PRO A 85 -8.79 -25.48 -26.27
N LEU A 86 -8.28 -26.67 -26.02
CA LEU A 86 -7.82 -27.11 -24.68
C LEU A 86 -6.58 -26.29 -24.32
N VAL A 87 -6.70 -25.50 -23.28
CA VAL A 87 -5.59 -24.68 -22.73
C VAL A 87 -5.62 -24.84 -21.21
N GLU A 88 -4.42 -24.99 -20.64
CA GLU A 88 -4.15 -24.94 -19.19
C GLU A 88 -3.56 -23.57 -18.93
N TYR A 89 -4.19 -22.75 -18.09
CA TYR A 89 -3.73 -21.36 -17.89
C TYR A 89 -3.44 -21.12 -16.41
N TYR A 90 -2.48 -20.24 -16.17
CA TYR A 90 -1.90 -19.94 -14.84
C TYR A 90 -1.67 -18.42 -14.74
N ILE A 91 -2.08 -17.83 -13.62
CA ILE A 91 -1.66 -16.47 -13.24
C ILE A 91 -0.92 -16.61 -11.91
N VAL A 92 0.40 -16.58 -11.99
CA VAL A 92 1.27 -17.02 -10.86
C VAL A 92 1.67 -15.81 -10.03
N ASP A 93 1.27 -15.79 -8.74
CA ASP A 93 1.64 -14.72 -7.78
C ASP A 93 2.88 -15.13 -6.97
N ASN A 94 3.17 -16.43 -6.82
CA ASN A 94 4.23 -16.91 -5.91
C ASN A 94 4.78 -18.25 -6.42
N TRP A 95 6.01 -18.53 -6.08
CA TRP A 95 6.71 -19.78 -6.45
C TRP A 95 7.86 -20.01 -5.49
N GLY A 96 8.57 -21.13 -5.62
CA GLY A 96 9.68 -21.50 -4.72
C GLY A 96 11.01 -21.24 -5.39
N ASN A 97 11.77 -22.31 -5.66
CA ASN A 97 13.15 -22.23 -6.21
C ASN A 97 13.09 -22.16 -7.73
N TYR A 98 11.95 -22.48 -8.34
CA TYR A 98 11.80 -22.60 -9.82
C TYR A 98 10.74 -21.63 -10.32
N ARG A 99 11.15 -20.65 -11.13
CA ARG A 99 10.22 -19.70 -11.81
C ARG A 99 9.77 -20.31 -13.14
N PRO A 100 8.45 -20.44 -13.38
CA PRO A 100 7.95 -20.85 -14.68
C PRO A 100 8.49 -19.93 -15.78
N THR A 101 8.86 -20.54 -16.90
CA THR A 101 9.44 -19.83 -18.06
C THR A 101 8.93 -20.53 -19.31
N GLY A 102 9.33 -20.02 -20.46
CA GLY A 102 9.04 -20.60 -21.78
C GLY A 102 9.23 -19.53 -22.82
N THR A 103 8.39 -19.52 -23.85
CA THR A 103 8.41 -18.49 -24.90
C THR A 103 7.83 -17.19 -24.33
N TYR A 104 8.70 -16.20 -24.16
CA TYR A 104 8.36 -14.85 -23.64
C TYR A 104 7.57 -14.06 -24.67
N LYS A 105 6.46 -13.44 -24.25
CA LYS A 105 5.50 -12.79 -25.16
C LYS A 105 5.37 -11.29 -24.87
N GLY A 106 5.92 -10.81 -23.75
CA GLY A 106 5.77 -9.43 -23.27
C GLY A 106 5.27 -9.45 -21.85
N THR A 107 4.76 -8.29 -21.37
CA THR A 107 4.33 -8.06 -19.98
C THR A 107 2.86 -7.61 -19.99
N VAL A 108 2.22 -7.76 -18.85
CA VAL A 108 0.93 -7.10 -18.50
C VAL A 108 1.05 -6.56 -17.07
N THR A 109 0.46 -5.40 -16.83
CA THR A 109 0.41 -4.75 -15.51
C THR A 109 -0.95 -5.03 -14.92
N SER A 110 -0.98 -5.51 -13.70
CA SER A 110 -2.25 -5.88 -13.03
C SER A 110 -2.03 -5.92 -11.54
N ASP A 111 -3.00 -5.37 -10.82
CA ASP A 111 -3.13 -5.57 -9.36
C ASP A 111 -1.80 -5.25 -8.70
N GLY A 112 -1.22 -4.11 -9.09
CA GLY A 112 -0.06 -3.48 -8.45
C GLY A 112 1.26 -4.12 -8.85
N GLY A 113 1.25 -5.10 -9.75
CA GLY A 113 2.47 -5.79 -10.20
C GLY A 113 2.63 -5.82 -11.69
N THR A 114 3.81 -6.22 -12.14
CA THR A 114 4.08 -6.48 -13.57
C THR A 114 4.24 -7.99 -13.75
N TYR A 115 3.57 -8.57 -14.75
CA TYR A 115 3.62 -10.02 -15.05
C TYR A 115 4.31 -10.27 -16.38
N ASP A 116 5.15 -11.29 -16.43
CA ASP A 116 5.83 -11.81 -17.64
C ASP A 116 4.88 -12.85 -18.23
N VAL A 117 4.60 -12.77 -19.53
CA VAL A 117 3.70 -13.71 -20.24
C VAL A 117 4.58 -14.71 -21.00
N TYR A 118 4.27 -16.00 -20.83
CA TYR A 118 4.97 -17.14 -21.48
C TYR A 118 3.94 -18.11 -22.03
N GLN A 119 4.31 -18.80 -23.10
CA GLN A 119 3.57 -19.97 -23.58
C GLN A 119 4.52 -21.16 -23.56
N THR A 120 4.00 -22.31 -23.10
CA THR A 120 4.66 -23.63 -23.20
C THR A 120 3.64 -24.59 -23.81
N THR A 121 4.07 -25.82 -24.05
CA THR A 121 3.24 -26.90 -24.62
C THR A 121 3.57 -28.19 -23.88
N ARG A 122 2.55 -28.97 -23.53
CA ARG A 122 2.70 -30.33 -22.95
C ARG A 122 2.17 -31.32 -23.96
N TYR A 123 2.85 -32.45 -24.13
CA TYR A 123 2.47 -33.51 -25.11
C TYR A 123 2.00 -34.74 -24.36
N ASN A 124 0.77 -35.20 -24.65
CA ASN A 124 0.20 -36.45 -24.11
C ASN A 124 0.35 -36.43 -22.59
N ALA A 125 -0.19 -35.38 -21.98
CA ALA A 125 -0.05 -35.16 -20.52
C ALA A 125 -1.44 -35.21 -19.90
N PRO A 126 -1.54 -35.44 -18.58
CA PRO A 126 -2.82 -35.39 -17.87
C PRO A 126 -3.50 -34.05 -18.11
N SER A 127 -4.82 -34.09 -18.24
CA SER A 127 -5.66 -32.89 -18.39
C SER A 127 -7.08 -33.21 -17.96
N VAL A 128 -7.92 -32.19 -17.97
CA VAL A 128 -9.37 -32.31 -17.68
C VAL A 128 -10.07 -33.09 -18.81
N GLU A 129 -9.40 -33.36 -19.94
CA GLU A 129 -9.95 -34.23 -21.03
C GLU A 129 -9.10 -35.52 -21.14
N GLY A 130 -8.32 -35.86 -20.12
CA GLY A 130 -7.48 -37.08 -20.10
C GLY A 130 -6.14 -36.82 -20.77
N THR A 131 -5.44 -37.86 -21.20
CA THR A 131 -4.10 -37.74 -21.85
C THR A 131 -4.28 -36.90 -23.11
N LYS A 132 -3.63 -35.74 -23.18
CA LYS A 132 -3.88 -34.75 -24.27
C LYS A 132 -2.64 -33.89 -24.47
N THR A 133 -2.50 -33.35 -25.68
CA THR A 133 -1.53 -32.29 -26.04
C THR A 133 -2.26 -30.94 -25.98
N PHE A 134 -1.64 -29.94 -25.36
CA PHE A 134 -2.26 -28.62 -25.09
C PHE A 134 -1.17 -27.57 -24.81
N ASN A 135 -1.47 -26.32 -25.16
CA ASN A 135 -0.63 -25.15 -24.78
C ASN A 135 -0.97 -24.78 -23.34
N GLN A 136 0.03 -24.22 -22.67
CA GLN A 136 -0.11 -23.59 -21.33
C GLN A 136 0.17 -22.11 -21.50
N TYR A 137 -0.72 -21.27 -20.98
CA TYR A 137 -0.56 -19.81 -20.96
C TYR A 137 -0.20 -19.42 -19.54
N TRP A 138 0.77 -18.53 -19.43
CA TRP A 138 1.30 -18.10 -18.12
C TRP A 138 1.41 -16.57 -18.01
N SER A 139 0.97 -16.09 -16.87
CA SER A 139 1.30 -14.74 -16.37
C SER A 139 2.10 -15.03 -15.08
N VAL A 140 3.31 -14.51 -15.00
CA VAL A 140 4.17 -14.72 -13.79
C VAL A 140 4.57 -13.37 -13.22
N ARG A 141 4.14 -13.11 -11.98
CA ARG A 141 4.39 -11.83 -11.30
C ARG A 141 5.91 -11.67 -11.18
N GLN A 142 6.41 -10.45 -11.36
CA GLN A 142 7.86 -10.18 -11.32
C GLN A 142 8.37 -10.20 -9.87
N SER A 143 7.48 -10.00 -8.90
CA SER A 143 7.82 -10.14 -7.46
C SER A 143 6.82 -11.09 -6.81
N LYS A 144 7.32 -11.93 -5.92
CA LYS A 144 6.50 -12.90 -5.17
C LYS A 144 5.57 -12.15 -4.20
N ARG A 145 4.37 -12.68 -3.98
CA ARG A 145 3.43 -12.25 -2.91
C ARG A 145 2.45 -13.40 -2.66
N THR A 146 1.86 -13.44 -1.47
CA THR A 146 0.68 -14.27 -1.16
C THR A 146 -0.44 -13.33 -0.74
N GLY A 147 -1.31 -12.96 -1.69
CA GLY A 147 -2.56 -12.25 -1.36
C GLY A 147 -2.73 -10.93 -2.09
N GLY A 148 -3.95 -10.66 -2.48
CA GLY A 148 -4.36 -9.43 -3.18
C GLY A 148 -5.52 -9.73 -4.09
N THR A 149 -5.68 -8.94 -5.15
CA THR A 149 -6.70 -9.15 -6.20
C THR A 149 -5.99 -9.74 -7.43
N ILE A 150 -6.60 -10.69 -8.11
CA ILE A 150 -6.20 -11.06 -9.49
C ILE A 150 -7.36 -10.67 -10.40
N THR A 151 -7.15 -9.64 -11.21
CA THR A 151 -8.07 -9.23 -12.28
C THR A 151 -7.83 -10.13 -13.50
N THR A 152 -8.58 -11.22 -13.63
CA THR A 152 -8.33 -12.26 -14.68
C THR A 152 -8.45 -11.62 -16.07
N GLY A 153 -9.37 -10.66 -16.24
CA GLY A 153 -9.60 -9.97 -17.51
C GLY A 153 -8.35 -9.29 -18.04
N ASN A 154 -7.54 -8.69 -17.15
CA ASN A 154 -6.26 -8.05 -17.55
C ASN A 154 -5.36 -9.09 -18.22
N HIS A 155 -5.28 -10.30 -17.65
CA HIS A 155 -4.38 -11.37 -18.15
C HIS A 155 -4.94 -11.95 -19.45
N PHE A 156 -6.22 -12.28 -19.47
CA PHE A 156 -6.86 -12.87 -20.68
C PHE A 156 -6.67 -11.93 -21.86
N ASP A 157 -6.79 -10.61 -21.64
CA ASP A 157 -6.75 -9.61 -22.73
C ASP A 157 -5.31 -9.47 -23.22
N ALA A 158 -4.34 -9.48 -22.32
CA ALA A 158 -2.91 -9.40 -22.70
C ALA A 158 -2.54 -10.64 -23.52
N TRP A 159 -2.95 -11.83 -23.06
CA TRP A 159 -2.70 -13.11 -23.79
C TRP A 159 -3.26 -12.98 -25.20
N ALA A 160 -4.51 -12.50 -25.31
CA ALA A 160 -5.19 -12.29 -26.61
C ALA A 160 -4.39 -11.34 -27.51
N ARG A 161 -3.89 -10.20 -27.00
CA ARG A 161 -3.02 -9.25 -27.77
C ARG A 161 -1.73 -9.96 -28.21
N TYR A 162 -1.27 -10.95 -27.45
CA TYR A 162 0.00 -11.66 -27.74
C TYR A 162 -0.26 -12.96 -28.50
N GLY A 163 -1.45 -13.12 -29.09
CA GLY A 163 -1.77 -14.27 -29.97
C GLY A 163 -2.04 -15.56 -29.20
N MET A 164 -2.29 -15.47 -27.89
CA MET A 164 -2.63 -16.66 -27.07
C MET A 164 -4.15 -16.61 -26.82
N GLN A 165 -4.90 -17.29 -27.68
CA GLN A 165 -6.38 -17.27 -27.64
C GLN A 165 -6.88 -18.38 -26.72
N LEU A 166 -7.74 -18.01 -25.78
CA LEU A 166 -8.37 -18.98 -24.86
C LEU A 166 -9.58 -19.58 -25.56
N GLY A 167 -9.93 -20.82 -25.18
CA GLY A 167 -11.19 -21.46 -25.60
C GLY A 167 -12.31 -21.06 -24.68
N SER A 168 -13.33 -21.91 -24.61
CA SER A 168 -14.55 -21.70 -23.81
C SER A 168 -14.23 -22.06 -22.37
N PHE A 169 -14.80 -21.30 -21.43
CA PHE A 169 -14.63 -21.51 -19.96
C PHE A 169 -15.58 -22.62 -19.55
N SER A 170 -15.35 -23.81 -20.10
CA SER A 170 -16.18 -25.02 -19.82
C SER A 170 -15.62 -25.81 -18.63
N TYR A 171 -14.50 -25.38 -18.02
CA TYR A 171 -13.88 -26.10 -16.89
C TYR A 171 -13.64 -25.13 -15.73
N TYR A 172 -13.20 -25.66 -14.60
CA TYR A 172 -12.99 -24.92 -13.34
C TYR A 172 -11.90 -23.85 -13.49
N MET A 173 -11.92 -22.93 -12.53
CA MET A 173 -10.91 -21.86 -12.32
C MET A 173 -10.75 -21.79 -10.82
N ILE A 174 -9.56 -22.09 -10.31
CA ILE A 174 -9.33 -22.20 -8.85
C ILE A 174 -8.11 -21.37 -8.47
N LEU A 175 -8.07 -20.94 -7.22
CA LEU A 175 -6.86 -20.36 -6.60
C LEU A 175 -6.10 -21.58 -6.09
N ALA A 176 -5.06 -21.95 -6.83
CA ALA A 176 -4.40 -23.26 -6.73
C ALA A 176 -3.08 -23.17 -5.95
N THR A 177 -2.83 -24.20 -5.15
CA THR A 177 -1.49 -24.58 -4.68
C THR A 177 -0.99 -25.74 -5.55
N GLU A 178 0.21 -25.63 -6.11
CA GLU A 178 0.84 -26.71 -6.90
C GLU A 178 2.23 -27.03 -6.31
N GLY A 179 2.62 -28.30 -6.39
CA GLY A 179 3.93 -28.79 -5.93
C GLY A 179 4.53 -29.75 -6.94
N TYR A 180 5.85 -29.73 -7.06
CA TYR A 180 6.62 -30.66 -7.89
C TYR A 180 7.85 -31.09 -7.11
N GLN A 181 7.95 -32.37 -6.74
CA GLN A 181 9.10 -32.99 -6.03
C GLN A 181 9.53 -32.09 -4.87
N SER A 182 8.61 -31.71 -4.01
CA SER A 182 8.84 -30.70 -2.97
C SER A 182 8.05 -31.04 -1.70
N SER A 183 8.22 -30.24 -0.66
CA SER A 183 7.38 -30.24 0.56
C SER A 183 6.82 -28.84 0.78
N GLY A 184 5.77 -28.69 1.58
CA GLY A 184 5.30 -27.36 1.98
C GLY A 184 3.93 -27.38 2.62
N SER A 185 3.36 -26.20 2.74
CA SER A 185 1.98 -25.97 3.18
C SER A 185 1.44 -24.72 2.50
N SER A 186 0.12 -24.60 2.51
CA SER A 186 -0.58 -23.35 2.19
C SER A 186 -1.86 -23.31 3.03
N ASN A 187 -2.34 -22.12 3.28
CA ASN A 187 -3.58 -21.88 4.04
C ASN A 187 -4.18 -20.61 3.41
N LEU A 188 -5.12 -20.78 2.48
CA LEU A 188 -5.59 -19.69 1.60
C LEU A 188 -7.09 -19.51 1.73
N THR A 189 -7.57 -18.30 1.48
CA THR A 189 -9.02 -18.01 1.37
C THR A 189 -9.24 -17.35 0.03
N VAL A 190 -10.23 -17.80 -0.71
CA VAL A 190 -10.57 -17.18 -2.02
C VAL A 190 -11.99 -16.62 -1.91
N SER A 191 -12.25 -15.54 -2.63
CA SER A 191 -13.59 -15.04 -3.01
C SER A 191 -13.39 -14.29 -4.34
N GLY A 192 -14.42 -13.66 -4.86
CA GLY A 192 -14.25 -12.87 -6.08
C GLY A 192 -15.53 -12.81 -6.87
N LYS A 193 -15.80 -11.65 -7.46
CA LYS A 193 -17.06 -11.33 -8.18
C LYS A 193 -16.75 -11.17 -9.67
N LEU A 194 -17.73 -11.49 -10.52
CA LEU A 194 -17.64 -11.38 -12.00
C LEU A 194 -17.42 -9.91 -12.36
N ALA A 195 -16.43 -9.62 -13.20
CA ALA A 195 -16.11 -8.28 -13.72
C ALA A 195 -16.90 -8.04 -15.01
N ALA B 2 -2.84 30.01 -0.93
CA ALA B 2 -2.42 29.25 -2.14
C ALA B 2 -1.66 28.00 -1.69
N THR B 3 -2.02 26.86 -2.24
CA THR B 3 -1.40 25.54 -1.96
C THR B 3 -0.93 24.96 -3.29
N VAL B 4 0.37 24.69 -3.43
CA VAL B 4 0.97 24.14 -4.69
C VAL B 4 0.97 22.60 -4.60
N ILE B 5 0.41 21.96 -5.62
CA ILE B 5 0.34 20.48 -5.77
C ILE B 5 1.27 20.08 -6.92
N THR B 6 2.19 19.15 -6.68
CA THR B 6 3.14 18.67 -7.71
C THR B 6 3.25 17.14 -7.68
N THR B 7 2.51 16.46 -6.81
CA THR B 7 2.57 14.98 -6.64
C THR B 7 1.16 14.44 -6.71
N ASN B 8 1.01 13.25 -7.30
CA ASN B 8 -0.26 12.49 -7.35
C ASN B 8 -0.92 12.48 -5.98
N GLN B 9 -2.14 12.98 -5.89
CA GLN B 9 -2.95 12.96 -4.65
C GLN B 9 -4.36 13.39 -4.98
N THR B 10 -5.30 13.15 -4.06
CA THR B 10 -6.63 13.79 -4.06
C THR B 10 -6.85 14.38 -2.66
N GLY B 11 -7.84 15.25 -2.54
CA GLY B 11 -8.09 15.93 -1.25
C GLY B 11 -9.23 16.89 -1.36
N THR B 12 -9.40 17.68 -0.30
CA THR B 12 -10.33 18.82 -0.24
C THR B 12 -9.49 20.07 0.03
N ASN B 13 -9.95 21.20 -0.52
CA ASN B 13 -9.34 22.54 -0.46
C ASN B 13 -10.49 23.53 -0.60
N ASN B 14 -10.71 24.32 0.45
CA ASN B 14 -11.66 25.47 0.44
C ASN B 14 -13.03 24.96 0.04
N GLY B 15 -13.42 23.79 0.54
CA GLY B 15 -14.76 23.18 0.38
C GLY B 15 -14.97 22.45 -0.95
N PHE B 16 -13.91 22.27 -1.75
CA PHE B 16 -13.97 21.56 -3.06
C PHE B 16 -13.06 20.35 -3.03
N TYR B 17 -13.44 19.28 -3.74
CA TYR B 17 -12.54 18.14 -4.01
C TYR B 17 -11.50 18.57 -5.06
N TYR B 18 -10.30 18.00 -5.00
CA TYR B 18 -9.26 18.18 -6.05
C TYR B 18 -8.60 16.83 -6.31
N SER B 19 -8.18 16.64 -7.56
CA SER B 19 -7.34 15.51 -8.01
C SER B 19 -6.14 16.06 -8.77
N PHE B 20 -4.96 15.51 -8.51
CA PHE B 20 -3.72 15.78 -9.30
C PHE B 20 -3.12 14.44 -9.69
N TRP B 21 -2.99 14.21 -11.00
CA TRP B 21 -2.29 13.01 -11.53
C TRP B 21 -1.36 13.41 -12.66
N THR B 22 -0.12 12.94 -12.58
CA THR B 22 0.90 13.05 -13.63
C THR B 22 1.55 11.67 -13.79
N ASP B 23 2.00 11.32 -14.98
CA ASP B 23 2.84 10.12 -15.23
C ASP B 23 4.29 10.45 -14.91
N GLY B 24 4.57 11.66 -14.37
CA GLY B 24 5.86 12.05 -13.77
C GLY B 24 6.82 12.71 -14.76
N GLY B 25 6.42 12.95 -16.02
CA GLY B 25 7.23 13.69 -17.01
C GLY B 25 7.23 15.20 -16.76
N GLY B 26 8.40 15.84 -16.87
CA GLY B 26 8.58 17.31 -16.88
C GLY B 26 8.24 17.94 -15.54
N SER B 27 7.81 19.20 -15.56
CA SER B 27 7.33 19.97 -14.39
C SER B 27 5.84 20.25 -14.60
N VAL B 28 5.05 19.80 -13.64
CA VAL B 28 3.59 20.01 -13.60
C VAL B 28 3.26 20.50 -12.18
N SER B 29 2.52 21.59 -12.07
CA SER B 29 1.97 22.04 -10.77
C SER B 29 0.54 22.51 -10.97
N MET B 30 -0.26 22.32 -9.94
CA MET B 30 -1.58 22.95 -9.75
C MET B 30 -1.50 23.79 -8.47
N THR B 31 -1.83 25.07 -8.55
CA THR B 31 -1.99 25.92 -7.35
C THR B 31 -3.46 25.99 -6.99
N LEU B 32 -3.82 25.43 -5.83
CA LEU B 32 -5.18 25.49 -5.24
C LEU B 32 -5.38 26.86 -4.59
N ASN B 33 -6.46 27.56 -4.90
CA ASN B 33 -6.64 28.94 -4.41
C ASN B 33 -7.99 29.02 -3.71
N SER B 34 -8.43 30.20 -3.30
CA SER B 34 -9.66 30.35 -2.48
C SER B 34 -10.90 29.88 -3.26
N GLY B 35 -11.90 29.39 -2.53
CA GLY B 35 -13.12 28.79 -3.11
C GLY B 35 -12.79 27.78 -4.20
N GLY B 36 -13.36 27.99 -5.39
CA GLY B 36 -13.28 27.01 -6.49
C GLY B 36 -12.19 27.35 -7.49
N ASN B 37 -11.23 28.21 -7.13
CA ASN B 37 -10.12 28.62 -8.02
C ASN B 37 -9.00 27.59 -7.93
N TYR B 38 -8.41 27.28 -9.07
CA TYR B 38 -7.05 26.69 -9.15
C TYR B 38 -6.40 27.22 -10.41
N SER B 39 -5.08 27.12 -10.46
CA SER B 39 -4.30 27.45 -11.67
C SER B 39 -3.36 26.28 -11.92
N THR B 40 -2.87 26.16 -13.14
CA THR B 40 -1.82 25.16 -13.45
C THR B 40 -0.71 25.83 -14.22
N SER B 41 0.42 25.15 -14.23
CA SER B 41 1.62 25.55 -14.97
C SER B 41 2.34 24.26 -15.30
N TRP B 42 2.71 24.06 -16.57
CA TRP B 42 3.46 22.83 -16.90
C TRP B 42 4.47 23.12 -17.99
N THR B 43 5.56 22.38 -17.94
CA THR B 43 6.69 22.45 -18.91
C THR B 43 7.06 21.04 -19.31
N ASN B 44 6.88 20.71 -20.59
CA ASN B 44 7.34 19.43 -21.18
C ASN B 44 6.77 18.29 -20.34
N CYS B 45 5.46 18.32 -20.10
CA CYS B 45 4.76 17.26 -19.34
C CYS B 45 4.76 16.00 -20.19
N GLY B 46 4.67 14.82 -19.56
CA GLY B 46 4.30 13.58 -20.27
C GLY B 46 2.81 13.59 -20.48
N ASN B 47 2.08 13.17 -19.43
CA ASN B 47 0.60 13.19 -19.36
C ASN B 47 0.24 13.62 -17.94
N PHE B 48 -0.74 14.51 -17.78
CA PHE B 48 -1.27 14.92 -16.46
C PHE B 48 -2.72 15.36 -16.63
N VAL B 49 -3.50 15.18 -15.58
CA VAL B 49 -4.89 15.70 -15.44
C VAL B 49 -5.02 16.21 -14.00
N ALA B 50 -5.47 17.45 -13.82
CA ALA B 50 -5.63 18.04 -12.48
C ALA B 50 -6.81 19.00 -12.48
N GLY B 51 -7.41 19.19 -11.31
CA GLY B 51 -8.53 20.13 -11.26
C GLY B 51 -9.26 20.10 -9.95
N LYS B 52 -10.28 20.95 -9.85
CA LYS B 52 -11.16 21.06 -8.65
C LYS B 52 -12.59 20.64 -9.04
N GLY B 53 -13.35 20.14 -8.06
CA GLY B 53 -14.79 19.90 -8.20
C GLY B 53 -15.31 19.11 -7.00
N TRP B 54 -15.70 17.85 -7.25
CA TRP B 54 -16.55 17.07 -6.33
C TRP B 54 -16.02 15.65 -6.20
N SER B 55 -16.13 15.09 -4.99
CA SER B 55 -15.64 13.73 -4.66
C SER B 55 -16.52 12.71 -5.41
N ASN B 56 -17.71 13.11 -5.85
CA ASN B 56 -18.65 12.23 -6.59
C ASN B 56 -19.24 13.00 -7.77
N GLY B 57 -19.32 12.35 -8.93
CA GLY B 57 -20.07 12.90 -10.07
C GLY B 57 -21.57 12.82 -9.82
N GLY B 58 -22.35 13.29 -10.79
CA GLY B 58 -23.81 13.43 -10.72
C GLY B 58 -24.28 14.31 -11.85
N ARG B 59 -25.59 14.43 -12.00
CA ARG B 59 -26.21 15.38 -12.95
C ARG B 59 -26.10 16.77 -12.30
N ARG B 60 -25.10 17.53 -12.72
CA ARG B 60 -24.69 18.79 -12.06
C ARG B 60 -24.64 19.87 -13.14
N ASN B 61 -25.14 21.05 -12.81
CA ASN B 61 -25.02 22.27 -13.62
C ASN B 61 -23.70 22.91 -13.20
N VAL B 62 -22.65 22.67 -13.97
CA VAL B 62 -21.29 23.17 -13.67
C VAL B 62 -21.16 24.58 -14.26
N GLN B 63 -20.75 25.56 -13.44
CA GLN B 63 -20.41 26.92 -13.89
C GLN B 63 -18.91 27.10 -13.69
N TYR B 64 -18.22 27.62 -14.69
CA TYR B 64 -16.78 27.87 -14.57
C TYR B 64 -16.45 29.11 -15.39
N SER B 65 -15.31 29.73 -15.07
CA SER B 65 -14.72 30.86 -15.82
C SER B 65 -13.22 30.75 -15.69
N GLY B 66 -12.50 31.52 -16.50
CA GLY B 66 -11.05 31.67 -16.35
C GLY B 66 -10.39 31.68 -17.70
N SER B 67 -9.14 31.25 -17.76
CA SER B 67 -8.32 31.24 -18.99
C SER B 67 -7.59 29.89 -19.10
N PHE B 68 -7.24 29.49 -20.32
CA PHE B 68 -6.61 28.19 -20.66
C PHE B 68 -5.60 28.48 -21.77
N TYR B 69 -4.30 28.27 -21.53
CA TYR B 69 -3.21 28.70 -22.44
C TYR B 69 -2.27 27.52 -22.62
N PRO B 70 -2.70 26.53 -23.43
CA PRO B 70 -1.82 25.44 -23.84
C PRO B 70 -0.86 25.99 -24.90
N SER B 71 0.43 25.66 -24.83
CA SER B 71 1.39 26.05 -25.90
C SER B 71 1.42 24.96 -26.97
N GLY B 72 0.99 23.74 -26.63
CA GLY B 72 0.84 22.59 -27.55
C GLY B 72 -0.45 21.84 -27.27
N ASN B 73 -0.38 20.54 -26.98
CA ASN B 73 -1.55 19.67 -26.71
C ASN B 73 -2.04 19.90 -25.29
N GLY B 74 -3.34 20.05 -25.12
CA GLY B 74 -3.95 20.09 -23.79
C GLY B 74 -5.45 20.21 -23.91
N TYR B 75 -6.19 19.85 -22.85
CA TYR B 75 -7.66 19.93 -22.84
C TYR B 75 -8.14 20.63 -21.57
N LEU B 76 -9.24 21.34 -21.73
CA LEU B 76 -10.07 21.91 -20.66
C LEU B 76 -11.36 21.13 -20.70
N ALA B 77 -11.66 20.36 -19.66
CA ALA B 77 -12.77 19.41 -19.70
C ALA B 77 -13.33 19.17 -18.30
N LEU B 78 -14.65 19.06 -18.23
CA LEU B 78 -15.34 18.42 -17.10
C LEU B 78 -15.03 16.91 -17.22
N TYR B 79 -14.48 16.34 -16.16
CA TYR B 79 -13.70 15.09 -16.21
C TYR B 79 -14.06 14.27 -14.98
N GLY B 80 -14.29 12.97 -15.16
CA GLY B 80 -14.47 12.04 -14.03
C GLY B 80 -14.61 10.59 -14.46
N TRP B 81 -15.02 9.78 -13.49
CA TRP B 81 -15.00 8.31 -13.56
C TRP B 81 -16.29 7.77 -12.97
N THR B 82 -16.78 6.66 -13.51
CA THR B 82 -17.83 5.82 -12.90
C THR B 82 -17.22 4.45 -12.60
N SER B 83 -17.98 3.61 -11.88
CA SER B 83 -17.64 2.18 -11.66
C SER B 83 -18.80 1.33 -12.17
N ASN B 84 -18.50 0.11 -12.61
CA ASN B 84 -19.50 -0.93 -13.00
C ASN B 84 -20.50 -0.35 -13.99
N PRO B 85 -20.10 0.03 -15.21
CA PRO B 85 -18.71 -0.11 -15.67
C PRO B 85 -17.76 1.02 -15.26
N LEU B 86 -16.47 0.72 -15.29
CA LEU B 86 -15.39 1.71 -15.19
C LEU B 86 -15.36 2.50 -16.49
N VAL B 87 -15.68 3.78 -16.42
CA VAL B 87 -15.63 4.74 -17.56
C VAL B 87 -14.87 5.98 -17.12
N GLU B 88 -13.99 6.47 -17.98
CA GLU B 88 -13.37 7.82 -17.91
C GLU B 88 -14.20 8.68 -18.87
N TYR B 89 -14.79 9.78 -18.37
CA TYR B 89 -15.62 10.68 -19.23
C TYR B 89 -15.03 12.10 -19.22
N TYR B 90 -15.24 12.75 -20.35
CA TYR B 90 -14.74 14.10 -20.70
C TYR B 90 -15.85 14.89 -21.39
N ILE B 91 -16.11 16.11 -20.95
CA ILE B 91 -16.86 17.15 -21.71
C ILE B 91 -15.90 18.29 -21.97
N VAL B 92 -15.32 18.29 -23.17
CA VAL B 92 -14.17 19.14 -23.60
C VAL B 92 -14.74 20.42 -24.21
N ASP B 93 -14.44 21.58 -23.60
CA ASP B 93 -14.86 22.92 -24.09
C ASP B 93 -13.71 23.62 -24.83
N ASN B 94 -12.45 23.21 -24.58
CA ASN B 94 -11.27 23.87 -25.18
C ASN B 94 -10.14 22.84 -25.30
N TRP B 95 -9.28 23.02 -26.30
CA TRP B 95 -8.16 22.09 -26.58
C TRP B 95 -7.06 22.89 -27.27
N GLY B 96 -5.84 22.35 -27.29
CA GLY B 96 -4.68 22.97 -27.92
C GLY B 96 -4.52 22.46 -29.33
N ASN B 97 -3.35 21.91 -29.67
CA ASN B 97 -2.98 21.39 -31.03
C ASN B 97 -3.85 20.21 -31.45
N TYR B 98 -4.13 19.26 -30.56
CA TYR B 98 -4.85 18.01 -30.89
C TYR B 98 -6.30 18.12 -30.39
N ARG B 99 -7.26 17.95 -31.30
CA ARG B 99 -8.70 17.87 -30.94
C ARG B 99 -9.01 16.41 -30.63
N PRO B 100 -9.57 16.06 -29.45
CA PRO B 100 -9.95 14.68 -29.16
C PRO B 100 -10.83 14.11 -30.28
N THR B 101 -10.60 12.84 -30.63
CA THR B 101 -11.40 12.06 -31.61
C THR B 101 -11.42 10.60 -31.17
N GLY B 102 -12.07 9.74 -31.95
CA GLY B 102 -12.30 8.33 -31.61
C GLY B 102 -13.43 7.83 -32.46
N THR B 103 -14.25 6.91 -31.96
CA THR B 103 -15.43 6.43 -32.72
C THR B 103 -16.51 7.50 -32.59
N TYR B 104 -16.70 8.28 -33.66
CA TYR B 104 -17.74 9.35 -33.69
C TYR B 104 -19.11 8.67 -33.63
N LYS B 105 -19.99 9.20 -32.81
CA LYS B 105 -21.36 8.66 -32.60
C LYS B 105 -22.41 9.61 -33.17
N GLY B 106 -22.13 10.91 -33.19
CA GLY B 106 -23.15 11.96 -33.45
C GLY B 106 -22.86 13.20 -32.63
N THR B 107 -23.90 14.01 -32.36
CA THR B 107 -23.77 15.31 -31.67
C THR B 107 -24.75 15.40 -30.49
N VAL B 108 -24.50 16.37 -29.62
CA VAL B 108 -25.46 16.80 -28.54
C VAL B 108 -25.36 18.31 -28.49
N THR B 109 -26.51 18.99 -28.38
CA THR B 109 -26.57 20.46 -28.21
C THR B 109 -26.78 20.73 -26.73
N SER B 110 -25.94 21.58 -26.14
CA SER B 110 -25.99 21.91 -24.69
C SER B 110 -25.30 23.24 -24.44
N ASP B 111 -25.91 24.10 -23.62
CA ASP B 111 -25.27 25.31 -23.05
C ASP B 111 -24.71 26.18 -24.19
N GLY B 112 -25.51 26.40 -25.22
CA GLY B 112 -25.18 27.34 -26.31
C GLY B 112 -24.22 26.74 -27.32
N GLY B 113 -23.77 25.50 -27.10
CA GLY B 113 -22.84 24.84 -28.03
C GLY B 113 -23.40 23.55 -28.58
N THR B 114 -22.74 23.01 -29.62
CA THR B 114 -22.92 21.65 -30.18
C THR B 114 -21.64 20.88 -29.94
N TYR B 115 -21.75 19.66 -29.45
CA TYR B 115 -20.58 18.81 -29.09
C TYR B 115 -20.62 17.58 -29.98
N ASP B 116 -19.46 17.21 -30.53
CA ASP B 116 -19.22 15.91 -31.19
C ASP B 116 -19.02 14.88 -30.10
N VAL B 117 -19.71 13.76 -30.23
CA VAL B 117 -19.65 12.64 -29.27
C VAL B 117 -18.75 11.55 -29.85
N TYR B 118 -17.77 11.11 -29.06
CA TYR B 118 -16.90 9.97 -29.43
C TYR B 118 -16.80 8.99 -28.27
N GLN B 119 -16.51 7.74 -28.63
CA GLN B 119 -16.03 6.71 -27.68
C GLN B 119 -14.63 6.23 -28.08
N THR B 120 -13.77 6.07 -27.07
CA THR B 120 -12.44 5.44 -27.23
C THR B 120 -12.30 4.32 -26.20
N THR B 121 -11.21 3.56 -26.32
CA THR B 121 -10.81 2.49 -25.39
C THR B 121 -9.33 2.65 -25.07
N ARG B 122 -8.97 2.37 -23.82
CA ARG B 122 -7.58 2.37 -23.31
C ARG B 122 -7.27 0.93 -22.90
N TYR B 123 -6.12 0.41 -23.38
CA TYR B 123 -5.65 -0.97 -23.12
C TYR B 123 -4.64 -0.93 -21.98
N ASN B 124 -4.96 -1.61 -20.86
CA ASN B 124 -3.98 -1.86 -19.76
C ASN B 124 -3.35 -0.53 -19.36
N ALA B 125 -4.19 0.38 -18.87
CA ALA B 125 -3.84 1.79 -18.64
C ALA B 125 -4.20 2.16 -17.20
N PRO B 126 -3.55 3.21 -16.66
CA PRO B 126 -3.89 3.71 -15.34
C PRO B 126 -5.34 4.21 -15.24
N SER B 127 -5.92 3.98 -14.08
CA SER B 127 -7.32 4.38 -13.79
C SER B 127 -7.47 4.59 -12.29
N VAL B 128 -8.61 5.13 -11.87
CA VAL B 128 -9.02 5.23 -10.43
C VAL B 128 -9.18 3.83 -9.84
N GLU B 129 -9.14 2.74 -10.63
CA GLU B 129 -9.21 1.36 -10.10
C GLU B 129 -7.92 0.59 -10.39
N GLY B 130 -6.80 1.28 -10.64
CA GLY B 130 -5.51 0.68 -11.03
C GLY B 130 -5.48 0.38 -12.53
N THR B 131 -4.48 -0.38 -12.99
CA THR B 131 -4.30 -0.68 -14.42
C THR B 131 -5.43 -1.58 -14.91
N LYS B 132 -6.21 -1.06 -15.84
CA LYS B 132 -7.42 -1.73 -16.36
C LYS B 132 -7.54 -1.40 -17.84
N THR B 133 -8.44 -2.10 -18.49
CA THR B 133 -8.93 -1.79 -19.85
C THR B 133 -10.32 -1.22 -19.61
N PHE B 134 -10.60 -0.04 -20.17
CA PHE B 134 -11.88 0.65 -19.98
C PHE B 134 -12.15 1.54 -21.20
N ASN B 135 -13.40 1.92 -21.36
CA ASN B 135 -13.84 2.91 -22.37
C ASN B 135 -13.75 4.32 -21.79
N GLN B 136 -13.55 5.28 -22.69
CA GLN B 136 -13.61 6.73 -22.43
C GLN B 136 -14.77 7.30 -23.24
N TYR B 137 -15.60 8.12 -22.63
CA TYR B 137 -16.70 8.85 -23.29
C TYR B 137 -16.30 10.33 -23.42
N TRP B 138 -16.56 10.87 -24.60
CA TRP B 138 -16.22 12.25 -25.00
C TRP B 138 -17.43 12.98 -25.55
N SER B 139 -17.62 14.20 -25.08
CA SER B 139 -18.28 15.32 -25.76
C SER B 139 -17.18 16.34 -26.05
N VAL B 140 -17.10 16.81 -27.28
CA VAL B 140 -16.08 17.79 -27.73
C VAL B 140 -16.77 18.96 -28.42
N ARG B 141 -16.75 20.15 -27.81
CA ARG B 141 -17.44 21.35 -28.35
C ARG B 141 -16.91 21.62 -29.76
N GLN B 142 -17.80 22.03 -30.68
CA GLN B 142 -17.43 22.25 -32.10
C GLN B 142 -16.66 23.58 -32.24
N SER B 143 -16.80 24.49 -31.28
CA SER B 143 -15.93 25.68 -31.15
C SER B 143 -15.38 25.76 -29.73
N LYS B 144 -14.16 26.25 -29.61
CA LYS B 144 -13.43 26.35 -28.33
C LYS B 144 -14.02 27.49 -27.50
N ARG B 145 -14.14 27.31 -26.21
CA ARG B 145 -14.49 28.43 -25.31
C ARG B 145 -13.81 28.19 -23.97
N THR B 146 -13.62 29.24 -23.18
CA THR B 146 -13.22 29.10 -21.76
C THR B 146 -14.23 29.85 -20.91
N GLY B 147 -15.15 29.12 -20.29
CA GLY B 147 -16.10 29.66 -19.30
C GLY B 147 -17.53 29.50 -19.77
N GLY B 148 -18.45 29.26 -18.84
CA GLY B 148 -19.87 29.07 -19.13
C GLY B 148 -20.47 28.00 -18.24
N THR B 149 -21.57 27.40 -18.68
CA THR B 149 -22.26 26.30 -17.97
C THR B 149 -22.01 24.98 -18.72
N ILE B 150 -21.79 23.91 -17.97
CA ILE B 150 -21.82 22.52 -18.51
C ILE B 150 -22.94 21.78 -17.78
N THR B 151 -24.06 21.60 -18.47
CA THR B 151 -25.23 20.82 -17.97
C THR B 151 -24.92 19.34 -18.19
N THR B 152 -24.29 18.69 -17.21
CA THR B 152 -23.68 17.35 -17.43
C THR B 152 -24.75 16.35 -17.87
N GLY B 153 -25.92 16.40 -17.24
CA GLY B 153 -27.09 15.54 -17.56
C GLY B 153 -27.37 15.48 -19.06
N ASN B 154 -27.22 16.59 -19.80
CA ASN B 154 -27.49 16.63 -21.26
C ASN B 154 -26.48 15.69 -21.95
N HIS B 155 -25.22 15.71 -21.51
CA HIS B 155 -24.15 14.87 -22.09
C HIS B 155 -24.39 13.40 -21.76
N PHE B 156 -24.71 13.07 -20.50
CA PHE B 156 -24.96 11.69 -20.02
C PHE B 156 -26.13 11.09 -20.80
N ASP B 157 -27.21 11.86 -20.99
CA ASP B 157 -28.41 11.44 -21.76
C ASP B 157 -27.96 11.16 -23.21
N ALA B 158 -27.19 12.06 -23.82
CA ALA B 158 -26.81 11.90 -25.24
C ALA B 158 -25.93 10.66 -25.36
N TRP B 159 -24.97 10.49 -24.47
CA TRP B 159 -24.11 9.29 -24.49
C TRP B 159 -24.98 8.02 -24.43
N ALA B 160 -25.90 7.95 -23.47
CA ALA B 160 -26.83 6.80 -23.31
C ALA B 160 -27.59 6.55 -24.62
N ARG B 161 -28.02 7.58 -25.35
CA ARG B 161 -28.74 7.44 -26.64
C ARG B 161 -27.81 6.76 -27.65
N TYR B 162 -26.51 7.00 -27.55
CA TYR B 162 -25.51 6.51 -28.52
C TYR B 162 -24.94 5.16 -28.04
N GLY B 163 -25.50 4.62 -26.96
CA GLY B 163 -25.19 3.27 -26.48
C GLY B 163 -24.01 3.29 -25.54
N MET B 164 -23.70 4.45 -24.96
CA MET B 164 -22.55 4.65 -24.04
C MET B 164 -23.13 4.85 -22.63
N GLN B 165 -23.17 3.78 -21.84
CA GLN B 165 -23.84 3.76 -20.52
C GLN B 165 -22.81 4.09 -19.45
N LEU B 166 -23.15 4.97 -18.52
CA LEU B 166 -22.24 5.30 -17.40
C LEU B 166 -22.49 4.34 -16.25
N GLY B 167 -21.49 4.10 -15.41
CA GLY B 167 -21.63 3.34 -14.16
C GLY B 167 -22.10 4.22 -13.02
N SER B 168 -21.91 3.76 -11.79
CA SER B 168 -22.24 4.53 -10.57
C SER B 168 -21.19 5.63 -10.42
N PHE B 169 -21.61 6.82 -10.00
CA PHE B 169 -20.72 7.98 -9.76
C PHE B 169 -20.08 7.83 -8.38
N SER B 170 -19.26 6.80 -8.22
CA SER B 170 -18.55 6.48 -6.95
C SER B 170 -17.20 7.21 -6.94
N TYR B 171 -16.84 7.88 -8.02
CA TYR B 171 -15.54 8.60 -8.15
C TYR B 171 -15.77 10.08 -8.44
N TYR B 172 -14.67 10.83 -8.43
CA TYR B 172 -14.66 12.32 -8.56
C TYR B 172 -15.14 12.78 -9.94
N MET B 173 -15.56 14.03 -9.97
CA MET B 173 -15.91 14.83 -11.16
C MET B 173 -15.27 16.20 -10.98
N ILE B 174 -14.39 16.64 -11.87
CA ILE B 174 -13.58 17.88 -11.68
C ILE B 174 -13.58 18.70 -12.97
N LEU B 175 -13.46 20.02 -12.87
CA LEU B 175 -13.16 20.85 -14.05
C LEU B 175 -11.65 20.77 -14.21
N ALA B 176 -11.19 19.98 -15.20
CA ALA B 176 -9.80 19.49 -15.29
C ALA B 176 -9.04 20.26 -16.38
N THR B 177 -7.75 20.47 -16.13
CA THR B 177 -6.74 20.85 -17.13
C THR B 177 -5.95 19.59 -17.42
N GLU B 178 -5.83 19.19 -18.69
CA GLU B 178 -5.01 18.03 -19.09
C GLU B 178 -3.93 18.51 -20.07
N GLY B 179 -2.73 17.96 -19.97
CA GLY B 179 -1.60 18.23 -20.87
C GLY B 179 -1.04 16.93 -21.40
N TYR B 180 -0.51 16.98 -22.61
CA TYR B 180 0.12 15.81 -23.25
C TYR B 180 1.34 16.28 -24.05
N GLN B 181 2.53 15.89 -23.58
CA GLN B 181 3.79 16.15 -24.32
C GLN B 181 3.84 17.65 -24.66
N SER B 182 3.58 18.50 -23.68
CA SER B 182 3.39 19.95 -23.98
C SER B 182 3.74 20.82 -22.77
N SER B 183 3.57 22.12 -22.96
CA SER B 183 3.79 23.16 -21.94
C SER B 183 2.53 24.01 -21.89
N GLY B 184 2.26 24.67 -20.79
CA GLY B 184 1.07 25.54 -20.78
C GLY B 184 0.75 26.06 -19.41
N SER B 185 -0.37 26.76 -19.30
CA SER B 185 -0.90 27.20 -17.99
C SER B 185 -2.41 27.36 -18.10
N SER B 186 -3.09 27.38 -16.96
CA SER B 186 -4.55 27.63 -16.87
C SER B 186 -4.83 28.35 -15.55
N ASN B 187 -5.93 29.07 -15.49
CA ASN B 187 -6.42 29.73 -14.25
C ASN B 187 -7.95 29.72 -14.31
N LEU B 188 -8.58 28.88 -13.50
CA LEU B 188 -10.02 28.54 -13.62
C LEU B 188 -10.74 28.64 -12.28
N THR B 189 -12.03 28.92 -12.33
CA THR B 189 -12.93 28.96 -11.15
C THR B 189 -14.16 28.15 -11.47
N VAL B 190 -14.50 27.23 -10.57
CA VAL B 190 -15.60 26.26 -10.72
C VAL B 190 -16.60 26.42 -9.56
N SER B 191 -17.85 26.15 -9.86
CA SER B 191 -19.01 26.00 -8.93
C SER B 191 -20.08 25.13 -9.62
N GLY B 192 -21.16 24.80 -8.92
CA GLY B 192 -22.29 24.06 -9.53
C GLY B 192 -23.19 23.42 -8.50
N LYS B 193 -24.50 23.40 -8.80
CA LYS B 193 -25.54 22.70 -8.00
C LYS B 193 -25.94 21.43 -8.75
N LEU B 194 -26.32 20.38 -8.03
CA LEU B 194 -27.01 19.18 -8.59
C LEU B 194 -28.34 19.60 -9.21
N ALA B 195 -28.67 19.07 -10.41
CA ALA B 195 -29.70 19.56 -11.36
C ALA B 195 -31.09 19.51 -10.73
N ALA C 2 25.38 33.52 -4.02
CA ALA C 2 24.59 33.08 -2.85
C ALA C 2 23.42 34.07 -2.64
N THR C 3 22.34 33.59 -2.06
CA THR C 3 21.17 34.39 -1.68
C THR C 3 21.00 34.21 -0.17
N VAL C 4 20.96 35.30 0.59
CA VAL C 4 20.83 35.29 2.08
C VAL C 4 19.38 35.60 2.46
N ILE C 5 18.73 34.69 3.18
CA ILE C 5 17.31 34.82 3.60
C ILE C 5 17.32 35.16 5.10
N THR C 6 16.54 36.17 5.53
CA THR C 6 16.37 36.54 6.96
C THR C 6 14.90 36.86 7.30
N THR C 7 13.97 36.67 6.36
CA THR C 7 12.52 36.94 6.52
C THR C 7 11.74 35.74 5.98
N ASN C 8 10.64 35.40 6.66
CA ASN C 8 9.72 34.28 6.34
C ASN C 8 9.37 34.35 4.84
N GLN C 9 9.58 33.23 4.13
CA GLN C 9 9.28 33.09 2.68
C GLN C 9 9.44 31.63 2.25
N THR C 10 8.83 31.27 1.14
CA THR C 10 9.15 30.04 0.38
C THR C 10 9.51 30.44 -1.05
N GLY C 11 10.23 29.57 -1.74
CA GLY C 11 10.65 29.86 -3.11
C GLY C 11 11.38 28.68 -3.71
N THR C 12 11.99 28.92 -4.86
CA THR C 12 12.83 27.95 -5.57
C THR C 12 14.21 28.58 -5.66
N ASN C 13 15.23 27.74 -5.54
CA ASN C 13 16.63 28.16 -5.62
C ASN C 13 17.41 27.00 -6.25
N ASN C 14 17.95 27.21 -7.46
CA ASN C 14 18.95 26.30 -8.07
C ASN C 14 18.34 24.90 -8.20
N GLY C 15 17.05 24.83 -8.54
CA GLY C 15 16.33 23.58 -8.83
C GLY C 15 15.67 22.99 -7.59
N PHE C 16 15.89 23.56 -6.40
CA PHE C 16 15.26 23.06 -5.14
C PHE C 16 14.21 24.06 -4.61
N TYR C 17 13.13 23.54 -4.05
CA TYR C 17 12.22 24.33 -3.18
C TYR C 17 12.96 24.67 -1.88
N TYR C 18 12.65 25.80 -1.27
CA TYR C 18 13.20 26.16 0.06
C TYR C 18 12.08 26.81 0.88
N SER C 19 12.17 26.65 2.18
CA SER C 19 11.32 27.29 3.20
C SER C 19 12.22 27.86 4.28
N PHE C 20 11.94 29.09 4.69
CA PHE C 20 12.54 29.80 5.83
C PHE C 20 11.42 30.32 6.72
N TRP C 21 11.39 29.92 7.99
CA TRP C 21 10.40 30.45 8.96
C TRP C 21 11.11 30.69 10.29
N THR C 22 10.87 31.87 10.85
CA THR C 22 11.37 32.29 12.18
C THR C 22 10.19 32.94 12.91
N ASP C 23 10.10 32.75 14.22
CA ASP C 23 9.14 33.45 15.10
C ASP C 23 9.80 34.75 15.52
N GLY C 24 11.01 35.04 15.02
CA GLY C 24 11.68 36.35 15.11
C GLY C 24 12.16 36.70 16.52
N GLY C 25 12.65 35.73 17.28
CA GLY C 25 13.66 35.99 18.32
C GLY C 25 15.06 35.86 17.72
N GLY C 26 15.99 36.75 18.08
CA GLY C 26 17.43 36.61 17.78
C GLY C 26 17.75 36.57 16.29
N SER C 27 19.01 36.39 15.94
CA SER C 27 19.52 36.43 14.55
C SER C 27 19.39 35.02 13.96
N VAL C 28 18.65 34.92 12.85
CA VAL C 28 18.59 33.70 12.00
C VAL C 28 18.76 34.12 10.55
N SER C 29 19.69 33.51 9.84
CA SER C 29 19.83 33.68 8.38
C SER C 29 20.05 32.31 7.74
N MET C 30 19.66 32.19 6.49
CA MET C 30 19.93 31.00 5.67
C MET C 30 20.57 31.50 4.38
N THR C 31 21.65 30.85 3.93
CA THR C 31 22.32 31.14 2.64
C THR C 31 21.98 30.03 1.66
N LEU C 32 21.36 30.37 0.54
CA LEU C 32 21.07 29.45 -0.58
C LEU C 32 22.26 29.46 -1.54
N ASN C 33 22.90 28.32 -1.70
CA ASN C 33 24.06 28.17 -2.62
C ASN C 33 23.62 27.28 -3.77
N SER C 34 24.58 26.81 -4.56
CA SER C 34 24.29 26.11 -5.84
C SER C 34 23.65 24.75 -5.54
N GLY C 35 22.90 24.25 -6.51
CA GLY C 35 22.17 22.97 -6.41
C GLY C 35 21.41 22.85 -5.11
N GLY C 36 21.64 21.76 -4.36
CA GLY C 36 20.87 21.42 -3.15
C GLY C 36 21.51 21.96 -1.89
N ASN C 37 22.50 22.83 -2.01
CA ASN C 37 23.26 23.33 -0.84
C ASN C 37 22.56 24.53 -0.20
N TYR C 38 22.55 24.55 1.14
CA TYR C 38 22.21 25.72 1.95
C TYR C 38 23.05 25.71 3.23
N SER C 39 23.21 26.87 3.84
CA SER C 39 23.79 27.00 5.18
C SER C 39 22.88 27.89 6.04
N THR C 40 23.05 27.77 7.33
CA THR C 40 22.33 28.58 8.32
C THR C 40 23.39 29.08 9.31
N SER C 41 23.08 30.20 9.92
CA SER C 41 23.82 30.79 11.05
C SER C 41 22.77 31.42 11.94
N TRP C 42 22.81 31.10 13.24
CA TRP C 42 21.89 31.69 14.22
C TRP C 42 22.59 31.94 15.55
N THR C 43 22.02 32.91 16.27
CA THR C 43 22.51 33.44 17.57
C THR C 43 21.27 33.82 18.37
N ASN C 44 21.10 33.16 19.52
CA ASN C 44 20.03 33.46 20.50
C ASN C 44 18.66 33.52 19.81
N CYS C 45 18.36 32.50 18.99
CA CYS C 45 17.15 32.44 18.13
C CYS C 45 15.95 32.21 19.05
N GLY C 46 14.74 32.51 18.62
CA GLY C 46 13.54 32.03 19.31
C GLY C 46 13.24 30.61 18.88
N ASN C 47 12.57 30.49 17.74
CA ASN C 47 12.28 29.22 17.03
C ASN C 47 12.43 29.50 15.52
N PHE C 48 13.14 28.67 14.78
CA PHE C 48 13.13 28.76 13.31
C PHE C 48 13.16 27.36 12.72
N VAL C 49 12.66 27.24 11.48
CA VAL C 49 12.89 26.03 10.64
C VAL C 49 13.22 26.48 9.22
N ALA C 50 14.28 25.96 8.64
CA ALA C 50 14.75 26.41 7.32
C ALA C 50 15.40 25.25 6.59
N GLY C 51 15.23 25.22 5.27
CA GLY C 51 16.03 24.34 4.42
C GLY C 51 15.47 24.18 3.02
N LYS C 52 16.11 23.31 2.26
CA LYS C 52 15.79 23.01 0.84
C LYS C 52 15.17 21.61 0.77
N GLY C 53 14.39 21.39 -0.28
CA GLY C 53 13.78 20.09 -0.59
C GLY C 53 12.79 20.24 -1.71
N TRP C 54 11.53 19.91 -1.44
CA TRP C 54 10.49 19.70 -2.49
C TRP C 54 9.21 20.44 -2.10
N SER C 55 8.49 21.03 -3.07
CA SER C 55 7.20 21.73 -2.85
C SER C 55 6.15 20.79 -2.23
N ASN C 56 6.28 19.49 -2.47
CA ASN C 56 5.39 18.45 -1.88
C ASN C 56 6.20 17.31 -1.28
N GLY C 57 5.74 16.80 -0.13
CA GLY C 57 6.24 15.55 0.47
C GLY C 57 5.87 14.34 -0.39
N GLY C 58 6.34 13.17 0.02
CA GLY C 58 6.04 11.87 -0.62
C GLY C 58 7.04 10.83 -0.17
N ARG C 59 6.91 9.64 -0.74
CA ARG C 59 7.85 8.51 -0.55
C ARG C 59 9.10 8.77 -1.41
N ARG C 60 10.06 9.50 -0.87
CA ARG C 60 11.38 9.79 -1.52
C ARG C 60 12.46 9.01 -0.77
N ASN C 61 13.54 8.71 -1.47
CA ASN C 61 14.86 8.38 -0.89
C ASN C 61 15.66 9.67 -0.94
N VAL C 62 15.75 10.32 0.21
CA VAL C 62 16.41 11.62 0.39
C VAL C 62 17.87 11.28 0.71
N GLN C 63 18.80 11.80 -0.07
CA GLN C 63 20.25 11.75 0.23
C GLN C 63 20.68 13.13 0.70
N TYR C 64 21.48 13.23 1.76
CA TYR C 64 22.02 14.53 2.21
C TYR C 64 23.39 14.34 2.85
N SER C 65 24.17 15.42 2.90
CA SER C 65 25.50 15.49 3.57
C SER C 65 25.75 16.90 4.10
N GLY C 66 26.78 17.05 4.93
CA GLY C 66 27.27 18.36 5.40
C GLY C 66 27.55 18.37 6.88
N SER C 67 27.26 19.50 7.52
CA SER C 67 27.66 19.83 8.89
C SER C 67 26.46 20.38 9.65
N PHE C 68 26.35 20.03 10.92
CA PHE C 68 25.31 20.49 11.86
C PHE C 68 26.02 20.78 13.17
N TYR C 69 26.09 22.05 13.58
CA TYR C 69 26.80 22.52 14.81
C TYR C 69 25.83 23.29 15.68
N PRO C 70 24.91 22.61 16.38
CA PRO C 70 24.03 23.31 17.31
C PRO C 70 24.83 23.62 18.59
N SER C 71 24.59 24.81 19.12
CA SER C 71 25.05 25.23 20.45
C SER C 71 23.80 25.41 21.33
N GLY C 72 23.40 24.33 21.98
CA GLY C 72 22.12 24.22 22.70
C GLY C 72 21.10 23.50 21.84
N ASN C 73 19.85 23.92 21.89
CA ASN C 73 18.70 23.15 21.35
C ASN C 73 18.56 23.39 19.84
N GLY C 74 18.72 22.34 19.03
CA GLY C 74 18.37 22.37 17.60
C GLY C 74 18.26 20.98 17.02
N TYR C 75 17.59 20.85 15.87
CA TYR C 75 17.33 19.55 15.17
C TYR C 75 17.87 19.64 13.75
N LEU C 76 18.37 18.51 13.28
CA LEU C 76 18.60 18.22 11.84
C LEU C 76 17.59 17.15 11.45
N ALA C 77 16.61 17.47 10.59
CA ALA C 77 15.45 16.58 10.40
C ALA C 77 14.87 16.70 8.99
N LEU C 78 14.55 15.56 8.36
CA LEU C 78 13.62 15.62 7.21
C LEU C 78 12.26 16.04 7.79
N TYR C 79 11.65 17.06 7.22
CA TYR C 79 10.59 17.85 7.89
C TYR C 79 9.55 18.26 6.87
N GLY C 80 8.27 18.12 7.23
CA GLY C 80 7.18 18.51 6.32
C GLY C 80 5.82 18.51 6.98
N TRP C 81 4.80 18.78 6.17
CA TRP C 81 3.40 18.93 6.61
C TRP C 81 2.48 18.17 5.66
N THR C 82 1.34 17.70 6.17
CA THR C 82 0.23 17.14 5.35
C THR C 82 -1.03 17.94 5.66
N SER C 83 -2.07 17.84 4.82
CA SER C 83 -3.42 18.40 5.07
C SER C 83 -4.41 17.24 5.23
N ASN C 84 -5.40 17.45 6.08
CA ASN C 84 -6.60 16.58 6.21
C ASN C 84 -6.14 15.16 6.48
N PRO C 85 -5.51 14.84 7.64
CA PRO C 85 -5.25 15.80 8.71
C PRO C 85 -3.97 16.63 8.52
N LEU C 86 -3.99 17.83 9.12
CA LEU C 86 -2.81 18.70 9.30
C LEU C 86 -1.83 18.01 10.24
N VAL C 87 -0.68 17.67 9.72
CA VAL C 87 0.38 17.00 10.52
C VAL C 87 1.68 17.73 10.22
N GLU C 88 2.45 18.00 11.26
CA GLU C 88 3.89 18.35 11.16
C GLU C 88 4.70 17.08 11.48
N TYR C 89 5.57 16.65 10.58
CA TYR C 89 6.33 15.39 10.75
C TYR C 89 7.83 15.69 10.65
N TYR C 90 8.58 14.84 11.35
CA TYR C 90 10.04 14.93 11.53
C TYR C 90 10.62 13.52 11.50
N ILE C 91 11.70 13.39 10.73
CA ILE C 91 12.70 12.31 10.81
C ILE C 91 14.01 12.98 11.21
N VAL C 92 14.32 12.91 12.51
CA VAL C 92 15.43 13.62 13.20
C VAL C 92 16.65 12.72 13.20
N ASP C 93 17.71 13.13 12.51
CA ASP C 93 19.00 12.41 12.43
C ASP C 93 19.99 12.97 13.45
N ASN C 94 19.81 14.21 13.92
CA ASN C 94 20.82 14.91 14.74
C ASN C 94 20.09 15.94 15.58
N TRP C 95 20.67 16.28 16.74
CA TRP C 95 20.06 17.23 17.70
C TRP C 95 21.15 17.78 18.61
N GLY C 96 20.82 18.77 19.44
CA GLY C 96 21.77 19.43 20.34
C GLY C 96 21.71 18.83 21.74
N ASN C 97 21.43 19.66 22.73
CA ASN C 97 21.39 19.27 24.16
C ASN C 97 20.09 18.53 24.46
N TYR C 98 19.01 18.80 23.70
CA TYR C 98 17.66 18.25 23.94
C TYR C 98 17.31 17.26 22.82
N ARG C 99 17.08 15.99 23.18
CA ARG C 99 16.60 14.96 22.22
C ARG C 99 15.08 15.01 22.25
N PRO C 100 14.41 15.23 21.09
CA PRO C 100 12.96 15.36 21.07
C PRO C 100 12.32 13.99 21.41
N THR C 101 11.31 14.05 22.27
CA THR C 101 10.60 12.93 22.91
C THR C 101 9.10 13.27 22.85
N GLY C 102 8.22 12.35 23.21
CA GLY C 102 6.78 12.55 23.38
C GLY C 102 6.17 11.22 23.78
N THR C 103 4.93 10.93 23.37
CA THR C 103 4.32 9.60 23.62
C THR C 103 5.05 8.54 22.78
N TYR C 104 5.71 7.59 23.45
CA TYR C 104 6.42 6.47 22.79
C TYR C 104 5.43 5.52 22.09
N LYS C 105 5.71 5.18 20.84
CA LYS C 105 4.85 4.32 19.97
C LYS C 105 5.60 3.07 19.51
N GLY C 106 6.93 3.08 19.57
CA GLY C 106 7.74 1.97 19.04
C GLY C 106 8.92 2.48 18.25
N THR C 107 9.51 1.62 17.44
CA THR C 107 10.76 1.91 16.71
C THR C 107 10.56 1.62 15.24
N VAL C 108 11.44 2.16 14.42
CA VAL C 108 11.60 1.80 12.99
C VAL C 108 13.11 1.80 12.74
N THR C 109 13.63 0.76 12.10
CA THR C 109 15.05 0.69 11.72
C THR C 109 15.11 0.92 10.21
N SER C 110 15.88 1.92 9.78
CA SER C 110 16.00 2.34 8.36
C SER C 110 17.34 3.02 8.16
N ASP C 111 17.99 2.77 7.01
CA ASP C 111 19.16 3.56 6.54
C ASP C 111 20.30 3.50 7.56
N GLY C 112 20.43 2.36 8.25
CA GLY C 112 21.58 2.00 9.10
C GLY C 112 21.40 2.51 10.51
N GLY C 113 20.19 2.91 10.88
CA GLY C 113 19.90 3.52 12.19
C GLY C 113 18.56 3.06 12.72
N THR C 114 18.38 3.08 14.05
CA THR C 114 17.12 2.74 14.74
C THR C 114 16.52 4.05 15.25
N TYR C 115 15.25 4.31 14.97
CA TYR C 115 14.58 5.56 15.37
C TYR C 115 13.50 5.21 16.38
N ASP C 116 13.40 6.00 17.44
CA ASP C 116 12.24 5.93 18.35
C ASP C 116 11.13 6.72 17.67
N VAL C 117 9.89 6.22 17.70
CA VAL C 117 8.72 6.95 17.14
C VAL C 117 7.94 7.59 18.28
N TYR C 118 7.64 8.88 18.16
CA TYR C 118 6.83 9.61 19.17
C TYR C 118 5.71 10.39 18.49
N GLN C 119 4.61 10.59 19.20
CA GLN C 119 3.54 11.52 18.81
C GLN C 119 3.43 12.61 19.88
N THR C 120 3.27 13.85 19.46
CA THR C 120 2.94 15.00 20.34
C THR C 120 1.83 15.79 19.63
N THR C 121 1.37 16.84 20.27
CA THR C 121 0.31 17.74 19.76
C THR C 121 0.77 19.15 20.08
N ARG C 122 0.64 20.06 19.12
CA ARG C 122 0.83 21.51 19.31
C ARG C 122 -0.56 22.13 19.35
N TYR C 123 -0.84 22.93 20.38
CA TYR C 123 -2.19 23.53 20.59
C TYR C 123 -2.10 24.99 20.11
N ASN C 124 -2.98 25.37 19.17
CA ASN C 124 -3.18 26.79 18.78
C ASN C 124 -1.82 27.42 18.43
N ALA C 125 -1.09 26.85 17.47
CA ALA C 125 0.33 27.18 17.21
C ALA C 125 0.51 27.50 15.73
N PRO C 126 1.61 28.16 15.34
CA PRO C 126 1.85 28.45 13.93
C PRO C 126 1.93 27.15 13.12
N SER C 127 1.51 27.21 11.86
CA SER C 127 1.48 26.05 10.94
C SER C 127 1.39 26.59 9.52
N VAL C 128 1.50 25.72 8.53
CA VAL C 128 1.37 26.10 7.10
C VAL C 128 -0.07 26.50 6.79
N GLU C 129 -1.00 26.26 7.70
CA GLU C 129 -2.42 26.70 7.54
C GLU C 129 -2.75 27.83 8.53
N GLY C 130 -1.75 28.46 9.14
CA GLY C 130 -1.99 29.52 10.13
C GLY C 130 -2.11 28.93 11.52
N THR C 131 -2.60 29.71 12.48
CA THR C 131 -2.71 29.30 13.90
C THR C 131 -3.62 28.08 13.99
N LYS C 132 -3.11 26.93 14.42
CA LYS C 132 -3.92 25.68 14.40
C LYS C 132 -3.45 24.72 15.50
N THR C 133 -4.27 23.71 15.74
CA THR C 133 -3.93 22.56 16.62
C THR C 133 -3.65 21.39 15.67
N PHE C 134 -2.54 20.69 15.85
CA PHE C 134 -2.11 19.59 14.95
C PHE C 134 -1.22 18.63 15.73
N ASN C 135 -1.23 17.36 15.35
CA ASN C 135 -0.27 16.37 15.86
C ASN C 135 1.09 16.56 15.18
N GLN C 136 2.13 16.19 15.89
CA GLN C 136 3.50 16.09 15.35
C GLN C 136 3.87 14.62 15.40
N TYR C 137 4.37 14.09 14.29
CA TYR C 137 4.86 12.70 14.21
C TYR C 137 6.39 12.79 14.16
N TRP C 138 7.06 12.02 15.03
CA TRP C 138 8.55 11.99 15.10
C TRP C 138 9.07 10.56 14.90
N SER C 139 10.10 10.45 14.09
CA SER C 139 11.16 9.43 14.16
C SER C 139 12.43 10.11 14.66
N VAL C 140 13.06 9.60 15.73
CA VAL C 140 14.26 10.23 16.34
C VAL C 140 15.35 9.17 16.41
N ARG C 141 16.43 9.38 15.66
CA ARG C 141 17.55 8.41 15.66
C ARG C 141 18.03 8.21 17.10
N GLN C 142 18.53 7.01 17.38
CA GLN C 142 19.03 6.63 18.73
C GLN C 142 20.48 7.13 18.87
N SER C 143 21.14 7.40 17.76
CA SER C 143 22.48 8.03 17.75
C SER C 143 22.52 9.09 16.65
N LYS C 144 23.25 10.18 16.91
CA LYS C 144 23.31 11.37 16.02
C LYS C 144 24.12 11.00 14.78
N ARG C 145 23.69 11.48 13.62
CA ARG C 145 24.54 11.50 12.41
C ARG C 145 24.25 12.77 11.61
N THR C 146 25.17 13.08 10.71
CA THR C 146 25.00 14.15 9.71
C THR C 146 25.35 13.54 8.37
N GLY C 147 24.38 12.90 7.74
CA GLY C 147 24.45 12.57 6.31
C GLY C 147 24.18 11.11 6.07
N GLY C 148 23.63 10.79 4.90
CA GLY C 148 23.26 9.44 4.47
C GLY C 148 21.95 9.51 3.71
N THR C 149 21.17 8.43 3.78
CA THR C 149 19.86 8.30 3.11
C THR C 149 18.78 8.27 4.18
N ILE C 150 17.63 8.89 3.89
CA ILE C 150 16.36 8.80 4.67
C ILE C 150 15.29 8.25 3.71
N THR C 151 14.91 6.99 3.92
CA THR C 151 13.89 6.30 3.11
C THR C 151 12.56 6.63 3.78
N THR C 152 11.90 7.70 3.34
CA THR C 152 10.68 8.22 4.03
C THR C 152 9.63 7.11 4.17
N GLY C 153 9.49 6.26 3.15
CA GLY C 153 8.48 5.20 3.10
C GLY C 153 8.52 4.28 4.31
N ASN C 154 9.71 4.00 4.82
CA ASN C 154 9.92 3.10 5.99
C ASN C 154 9.31 3.77 7.22
N HIS C 155 9.59 5.07 7.42
CA HIS C 155 9.05 5.87 8.55
C HIS C 155 7.53 6.00 8.39
N PHE C 156 7.03 6.37 7.21
CA PHE C 156 5.58 6.62 6.99
C PHE C 156 4.78 5.32 7.28
N ASP C 157 5.29 4.17 6.85
CA ASP C 157 4.64 2.84 7.01
C ASP C 157 4.64 2.42 8.48
N ALA C 158 5.78 2.55 9.18
CA ALA C 158 5.84 2.24 10.63
C ALA C 158 4.83 3.14 11.37
N TRP C 159 4.87 4.44 11.08
CA TRP C 159 3.97 5.42 11.72
C TRP C 159 2.50 4.98 11.57
N ALA C 160 2.09 4.63 10.35
CA ALA C 160 0.69 4.25 10.03
C ALA C 160 0.22 3.10 10.94
N ARG C 161 1.01 2.03 11.02
CA ARG C 161 0.78 0.85 11.91
C ARG C 161 0.58 1.29 13.37
N TYR C 162 1.38 2.25 13.82
CA TYR C 162 1.38 2.73 15.23
C TYR C 162 0.22 3.71 15.47
N GLY C 163 -0.64 3.93 14.48
CA GLY C 163 -1.86 4.77 14.63
C GLY C 163 -1.67 6.21 14.15
N MET C 164 -0.57 6.50 13.45
CA MET C 164 -0.17 7.87 13.06
C MET C 164 -0.31 7.98 11.55
N GLN C 165 -1.51 8.37 11.11
CA GLN C 165 -1.87 8.46 9.67
C GLN C 165 -1.55 9.87 9.20
N LEU C 166 -0.94 9.96 8.02
CA LEU C 166 -0.57 11.24 7.36
C LEU C 166 -1.73 11.64 6.46
N GLY C 167 -1.95 12.94 6.28
CA GLY C 167 -2.90 13.47 5.30
C GLY C 167 -2.25 13.52 3.95
N SER C 168 -2.79 14.32 3.04
CA SER C 168 -2.23 14.55 1.68
C SER C 168 -0.92 15.32 1.81
N PHE C 169 0.04 14.95 0.97
CA PHE C 169 1.36 15.60 0.82
C PHE C 169 1.17 16.83 -0.06
N SER C 170 0.43 17.80 0.47
CA SER C 170 0.04 19.05 -0.24
C SER C 170 0.93 20.20 0.21
N TYR C 171 1.92 19.93 1.08
CA TYR C 171 2.87 20.92 1.62
C TYR C 171 4.31 20.41 1.47
N TYR C 172 5.27 21.28 1.74
CA TYR C 172 6.70 21.01 1.44
C TYR C 172 7.22 19.85 2.30
N MET C 173 8.38 19.36 1.86
CA MET C 173 9.26 18.41 2.58
C MET C 173 10.68 18.88 2.33
N ILE C 174 11.40 19.25 3.39
CA ILE C 174 12.76 19.84 3.30
C ILE C 174 13.67 19.11 4.26
N LEU C 175 14.97 19.06 3.91
CA LEU C 175 16.05 18.69 4.86
C LEU C 175 16.36 19.95 5.66
N ALA C 176 15.82 20.00 6.87
CA ALA C 176 15.64 21.20 7.72
C ALA C 176 16.70 21.25 8.82
N THR C 177 17.15 22.47 9.08
CA THR C 177 17.80 22.92 10.32
C THR C 177 16.73 23.62 11.16
N GLU C 178 16.57 23.23 12.42
CA GLU C 178 15.68 23.89 13.38
C GLU C 178 16.51 24.30 14.59
N GLY C 179 16.18 25.46 15.17
CA GLY C 179 16.83 25.99 16.37
C GLY C 179 15.78 26.47 17.32
N TYR C 180 16.03 26.33 18.63
CA TYR C 180 15.11 26.74 19.72
C TYR C 180 15.91 27.33 20.88
N GLN C 181 15.81 28.66 21.09
CA GLN C 181 16.50 29.40 22.19
C GLN C 181 17.97 28.99 22.23
N SER C 182 18.64 29.04 21.10
CA SER C 182 20.00 28.48 20.92
C SER C 182 20.76 29.29 19.89
N SER C 183 21.99 28.89 19.65
CA SER C 183 22.89 29.41 18.60
C SER C 183 23.41 28.20 17.81
N GLY C 184 23.89 28.43 16.60
CA GLY C 184 24.49 27.33 15.82
C GLY C 184 24.74 27.73 14.39
N SER C 185 25.21 26.76 13.62
CA SER C 185 25.34 26.84 12.16
C SER C 185 25.06 25.47 11.59
N SER C 186 24.78 25.45 10.29
CA SER C 186 24.68 24.22 9.50
C SER C 186 25.08 24.53 8.05
N ASN C 187 25.58 23.52 7.36
CA ASN C 187 25.93 23.60 5.93
C ASN C 187 25.56 22.25 5.32
N LEU C 188 24.55 22.19 4.46
CA LEU C 188 23.92 20.90 4.08
C LEU C 188 23.61 20.86 2.58
N THR C 189 23.81 19.71 1.95
CA THR C 189 23.39 19.45 0.57
C THR C 189 22.35 18.34 0.58
N VAL C 190 21.25 18.56 -0.13
CA VAL C 190 20.13 17.57 -0.26
C VAL C 190 19.97 17.20 -1.75
N SER C 191 19.48 15.98 -1.98
CA SER C 191 18.95 15.49 -3.28
C SER C 191 17.99 14.32 -3.00
N GLY C 192 17.20 13.87 -3.98
CA GLY C 192 16.26 12.76 -3.77
C GLY C 192 15.50 12.39 -5.04
N LYS C 193 14.83 11.23 -5.03
CA LYS C 193 13.83 10.84 -6.07
C LYS C 193 12.73 9.99 -5.43
N LEU C 194 11.55 10.01 -6.02
CA LEU C 194 10.35 9.23 -5.56
C LEU C 194 10.57 7.75 -5.88
N ALA D 2 -10.83 -0.34 32.29
CA ALA D 2 -10.36 -0.89 31.01
C ALA D 2 -10.86 -0.02 29.85
N THR D 3 -10.28 -0.18 28.67
CA THR D 3 -10.65 0.55 27.43
C THR D 3 -10.68 -0.48 26.28
N VAL D 4 -11.54 -0.25 25.29
CA VAL D 4 -11.70 -1.11 24.08
C VAL D 4 -11.21 -0.36 22.84
N ILE D 5 -10.09 -0.80 22.29
CA ILE D 5 -9.52 -0.19 21.06
C ILE D 5 -9.94 -1.04 19.84
N THR D 6 -10.25 -0.33 18.76
CA THR D 6 -10.73 -0.92 17.49
C THR D 6 -9.90 -0.40 16.30
N THR D 7 -8.81 0.34 16.53
CA THR D 7 -7.99 0.95 15.44
C THR D 7 -6.50 0.69 15.69
N ASN D 8 -5.74 0.49 14.61
CA ASN D 8 -4.28 0.21 14.63
C ASN D 8 -3.59 1.23 15.54
N GLN D 9 -2.90 0.76 16.57
CA GLN D 9 -2.16 1.65 17.50
C GLN D 9 -1.25 0.82 18.39
N THR D 10 -0.31 1.52 19.02
CA THR D 10 0.60 1.00 20.06
C THR D 10 0.60 2.00 21.22
N GLY D 11 1.21 1.59 22.31
CA GLY D 11 1.48 2.50 23.43
C GLY D 11 1.92 1.71 24.63
N THR D 12 1.77 2.30 25.81
CA THR D 12 2.10 1.63 27.08
C THR D 12 0.85 1.70 27.94
N ASN D 13 0.50 0.61 28.57
CA ASN D 13 -0.74 0.45 29.36
C ASN D 13 -0.33 -0.28 30.64
N ASN D 14 -0.39 0.44 31.77
CA ASN D 14 -0.01 -0.05 33.11
C ASN D 14 1.41 -0.61 33.09
N GLY D 15 2.38 0.11 32.49
CA GLY D 15 3.80 -0.27 32.50
C GLY D 15 4.17 -1.29 31.43
N PHE D 16 3.21 -1.78 30.64
CA PHE D 16 3.47 -2.75 29.55
C PHE D 16 3.28 -2.08 28.19
N TYR D 17 4.15 -2.39 27.24
CA TYR D 17 3.91 -2.04 25.81
C TYR D 17 2.72 -2.86 25.31
N TYR D 18 1.97 -2.30 24.38
CA TYR D 18 0.92 -3.07 23.67
C TYR D 18 0.93 -2.63 22.20
N SER D 19 0.45 -3.54 21.37
CA SER D 19 0.28 -3.35 19.92
C SER D 19 -1.07 -3.95 19.50
N PHE D 20 -1.79 -3.22 18.68
CA PHE D 20 -3.03 -3.71 18.04
C PHE D 20 -2.91 -3.41 16.55
N TRP D 21 -2.98 -4.44 15.72
CA TRP D 21 -2.90 -4.32 14.25
C TRP D 21 -3.89 -5.25 13.58
N THR D 22 -4.73 -4.70 12.70
CA THR D 22 -5.69 -5.46 11.88
C THR D 22 -5.49 -5.01 10.43
N ASP D 23 -5.71 -5.89 9.46
CA ASP D 23 -5.70 -5.49 8.05
C ASP D 23 -7.07 -4.88 7.72
N GLY D 24 -7.99 -4.79 8.70
CA GLY D 24 -9.30 -4.12 8.56
C GLY D 24 -10.44 -5.07 8.23
N GLY D 25 -10.19 -6.38 8.06
CA GLY D 25 -11.24 -7.40 7.87
C GLY D 25 -12.12 -7.56 9.10
N GLY D 26 -13.45 -7.57 8.90
CA GLY D 26 -14.47 -7.92 9.90
C GLY D 26 -14.40 -7.01 11.13
N SER D 27 -14.78 -7.55 12.29
CA SER D 27 -14.82 -6.83 13.59
C SER D 27 -13.72 -7.36 14.51
N VAL D 28 -12.79 -6.51 14.91
CA VAL D 28 -11.67 -6.92 15.79
C VAL D 28 -11.58 -5.88 16.89
N SER D 29 -11.52 -6.32 18.14
CA SER D 29 -11.39 -5.41 19.29
C SER D 29 -10.40 -6.02 20.28
N MET D 30 -9.76 -5.11 21.02
CA MET D 30 -8.80 -5.41 22.11
C MET D 30 -9.18 -4.54 23.29
N THR D 31 -9.33 -5.20 24.42
CA THR D 31 -9.63 -4.58 25.72
C THR D 31 -8.32 -4.53 26.50
N LEU D 32 -7.93 -3.33 26.93
CA LEU D 32 -6.73 -3.13 27.77
C LEU D 32 -7.18 -2.99 29.22
N ASN D 33 -6.65 -3.85 30.09
CA ASN D 33 -7.13 -3.99 31.49
C ASN D 33 -5.96 -3.88 32.46
N SER D 34 -6.24 -4.03 33.75
CA SER D 34 -5.28 -3.87 34.87
C SER D 34 -3.98 -4.65 34.62
N GLY D 35 -2.84 -4.09 35.02
CA GLY D 35 -1.52 -4.72 34.90
C GLY D 35 -1.28 -5.27 33.50
N GLY D 36 -0.92 -6.55 33.38
CA GLY D 36 -0.54 -7.18 32.10
C GLY D 36 -1.74 -7.81 31.39
N ASN D 37 -2.97 -7.60 31.87
CA ASN D 37 -4.18 -8.23 31.28
C ASN D 37 -4.60 -7.49 30.01
N TYR D 38 -4.99 -8.26 29.00
CA TYR D 38 -5.74 -7.80 27.82
C TYR D 38 -6.70 -8.91 27.38
N SER D 39 -7.73 -8.56 26.65
CA SER D 39 -8.63 -9.53 25.99
C SER D 39 -8.83 -9.07 24.57
N THR D 40 -9.23 -9.99 23.70
CA THR D 40 -9.60 -9.72 22.31
C THR D 40 -10.94 -10.38 22.05
N SER D 41 -11.60 -9.88 21.04
CA SER D 41 -12.89 -10.43 20.56
C SER D 41 -12.89 -10.16 19.06
N TRP D 42 -13.09 -11.17 18.22
CA TRP D 42 -13.10 -10.92 16.75
C TRP D 42 -14.15 -11.77 16.06
N THR D 43 -14.72 -11.23 14.99
CA THR D 43 -15.70 -11.94 14.12
C THR D 43 -15.27 -11.70 12.67
N ASN D 44 -15.11 -12.78 11.88
CA ASN D 44 -14.94 -12.75 10.39
C ASN D 44 -13.74 -11.87 10.04
N CYS D 45 -12.60 -12.12 10.68
CA CYS D 45 -11.41 -11.25 10.60
C CYS D 45 -10.72 -11.54 9.26
N GLY D 46 -9.84 -10.64 8.83
CA GLY D 46 -8.84 -10.97 7.80
C GLY D 46 -7.62 -11.52 8.50
N ASN D 47 -6.70 -10.61 8.85
CA ASN D 47 -5.53 -10.89 9.70
C ASN D 47 -5.47 -9.82 10.80
N PHE D 48 -5.20 -10.22 12.04
CA PHE D 48 -4.90 -9.27 13.13
C PHE D 48 -3.90 -9.90 14.10
N VAL D 49 -3.07 -9.06 14.69
CA VAL D 49 -2.18 -9.37 15.84
C VAL D 49 -2.42 -8.35 16.94
N ALA D 50 -2.66 -8.78 18.18
CA ALA D 50 -2.90 -7.92 19.36
C ALA D 50 -2.21 -8.55 20.56
N GLY D 51 -1.47 -7.76 21.32
CA GLY D 51 -0.75 -8.30 22.47
C GLY D 51 -0.25 -7.25 23.40
N LYS D 52 0.21 -7.72 24.56
CA LYS D 52 0.90 -6.92 25.59
C LYS D 52 2.26 -7.54 25.87
N GLY D 53 3.24 -6.71 26.19
CA GLY D 53 4.60 -7.14 26.58
C GLY D 53 5.52 -5.95 26.70
N TRP D 54 6.59 -5.94 25.89
CA TRP D 54 7.77 -5.07 26.06
C TRP D 54 8.07 -4.31 24.76
N SER D 55 8.63 -3.11 24.86
CA SER D 55 8.93 -2.24 23.69
C SER D 55 10.11 -2.83 22.88
N ASN D 56 10.91 -3.69 23.54
CA ASN D 56 12.09 -4.36 22.94
C ASN D 56 12.04 -5.85 23.26
N GLY D 57 12.42 -6.67 22.29
CA GLY D 57 12.68 -8.09 22.54
C GLY D 57 13.87 -8.29 23.46
N GLY D 58 14.01 -9.49 24.00
CA GLY D 58 15.19 -9.86 24.77
C GLY D 58 14.96 -11.20 25.39
N ARG D 59 15.94 -11.63 26.19
CA ARG D 59 15.93 -12.90 26.93
C ARG D 59 15.26 -12.64 28.27
N ARG D 60 14.09 -13.23 28.45
CA ARG D 60 13.11 -12.90 29.51
C ARG D 60 12.38 -14.19 29.86
N ASN D 61 12.05 -14.39 31.14
CA ASN D 61 11.13 -15.45 31.59
C ASN D 61 9.70 -14.86 31.56
N VAL D 62 9.03 -14.93 30.41
CA VAL D 62 7.66 -14.40 30.23
C VAL D 62 6.72 -15.36 30.95
N GLN D 63 5.97 -14.86 31.91
CA GLN D 63 4.91 -15.61 32.64
C GLN D 63 3.57 -15.08 32.15
N TYR D 64 2.65 -15.96 31.80
CA TYR D 64 1.32 -15.55 31.30
C TYR D 64 0.33 -16.60 31.76
N SER D 65 -0.96 -16.23 31.77
CA SER D 65 -2.10 -17.11 32.11
C SER D 65 -3.32 -16.60 31.37
N GLY D 66 -4.36 -17.44 31.25
CA GLY D 66 -5.68 -16.97 30.78
C GLY D 66 -6.35 -17.98 29.87
N SER D 67 -7.20 -17.48 28.96
CA SER D 67 -8.05 -18.29 28.05
C SER D 67 -7.78 -17.88 26.61
N PHE D 68 -7.73 -18.85 25.71
CA PHE D 68 -7.52 -18.62 24.26
C PHE D 68 -8.51 -19.54 23.53
N TYR D 69 -9.52 -18.95 22.89
CA TYR D 69 -10.65 -19.71 22.31
C TYR D 69 -10.90 -19.24 20.88
N PRO D 70 -10.00 -19.57 19.94
CA PRO D 70 -10.26 -19.28 18.53
C PRO D 70 -11.43 -20.17 18.09
N SER D 71 -12.26 -19.65 17.21
CA SER D 71 -13.29 -20.43 16.47
C SER D 71 -12.83 -20.46 15.01
N GLY D 72 -12.00 -21.44 14.65
CA GLY D 72 -11.22 -21.43 13.39
C GLY D 72 -9.73 -21.18 13.64
N ASN D 73 -9.10 -20.40 12.75
CA ASN D 73 -7.64 -20.29 12.62
C ASN D 73 -7.16 -19.11 13.46
N GLY D 74 -6.40 -19.37 14.52
CA GLY D 74 -5.70 -18.34 15.29
C GLY D 74 -4.55 -18.94 16.10
N TYR D 75 -3.57 -18.10 16.46
CA TYR D 75 -2.36 -18.48 17.21
C TYR D 75 -2.28 -17.68 18.51
N LEU D 76 -1.80 -18.33 19.56
CA LEU D 76 -1.30 -17.73 20.81
C LEU D 76 0.23 -17.89 20.82
N ALA D 77 0.96 -16.78 20.86
CA ALA D 77 2.41 -16.79 20.59
C ALA D 77 3.10 -15.61 21.28
N LEU D 78 4.26 -15.87 21.87
CA LEU D 78 5.25 -14.81 22.13
C LEU D 78 5.74 -14.39 20.73
N TYR D 79 5.63 -13.10 20.42
CA TYR D 79 5.63 -12.52 19.06
C TYR D 79 6.46 -11.23 19.07
N GLY D 80 7.28 -11.07 18.02
CA GLY D 80 8.16 -9.91 17.93
C GLY D 80 8.86 -9.84 16.60
N TRP D 81 9.65 -8.79 16.42
CA TRP D 81 10.46 -8.54 15.22
C TRP D 81 11.90 -8.22 15.59
N THR D 82 12.85 -8.60 14.72
CA THR D 82 14.24 -8.12 14.72
C THR D 82 14.49 -7.24 13.50
N SER D 83 15.55 -6.43 13.55
CA SER D 83 16.09 -5.62 12.45
C SER D 83 17.50 -6.14 12.09
N ASN D 84 17.84 -6.12 10.80
CA ASN D 84 19.22 -6.43 10.34
C ASN D 84 19.67 -7.82 10.83
N PRO D 85 19.04 -8.94 10.40
CA PRO D 85 17.92 -8.94 9.47
C PRO D 85 16.51 -8.68 10.04
N LEU D 86 15.63 -8.19 9.18
CA LEU D 86 14.17 -8.11 9.45
C LEU D 86 13.64 -9.54 9.63
N VAL D 87 13.17 -9.89 10.84
CA VAL D 87 12.58 -11.22 11.15
C VAL D 87 11.32 -11.04 11.97
N GLU D 88 10.27 -11.77 11.58
CA GLU D 88 9.05 -11.98 12.40
C GLU D 88 9.18 -13.33 13.12
N TYR D 89 9.22 -13.33 14.45
CA TYR D 89 9.45 -14.55 15.25
C TYR D 89 8.25 -14.85 16.15
N TYR D 90 8.07 -16.14 16.41
CA TYR D 90 6.90 -16.74 17.08
C TYR D 90 7.35 -17.90 17.96
N ILE D 91 6.91 -17.87 19.20
CA ILE D 91 6.92 -19.00 20.16
C ILE D 91 5.45 -19.35 20.43
N VAL D 92 4.93 -20.35 19.72
CA VAL D 92 3.46 -20.68 19.67
C VAL D 92 3.15 -21.75 20.74
N ASP D 93 2.28 -21.42 21.69
CA ASP D 93 1.85 -22.34 22.77
C ASP D 93 0.49 -22.93 22.45
N ASN D 94 -0.26 -22.34 21.53
CA ASN D 94 -1.65 -22.76 21.28
C ASN D 94 -2.10 -22.25 19.92
N TRP D 95 -3.06 -22.92 19.33
CA TRP D 95 -3.59 -22.57 17.98
C TRP D 95 -5.00 -23.12 17.90
N GLY D 96 -5.73 -22.79 16.84
CA GLY D 96 -7.10 -23.26 16.63
C GLY D 96 -7.13 -24.52 15.77
N ASN D 97 -7.76 -24.40 14.59
CA ASN D 97 -8.02 -25.56 13.73
C ASN D 97 -6.75 -25.84 12.90
N TYR D 98 -5.63 -25.12 13.10
CA TYR D 98 -4.49 -25.24 12.17
C TYR D 98 -3.16 -24.98 12.88
N ARG D 99 -2.31 -26.00 12.93
CA ARG D 99 -0.98 -25.90 13.56
C ARG D 99 -0.04 -25.16 12.62
N PRO D 100 0.58 -24.05 13.08
CA PRO D 100 1.63 -23.39 12.31
C PRO D 100 2.71 -24.42 11.97
N THR D 101 3.19 -24.38 10.72
CA THR D 101 4.24 -25.26 10.19
C THR D 101 5.16 -24.50 9.24
N GLY D 102 6.28 -25.12 8.87
CA GLY D 102 7.20 -24.62 7.84
C GLY D 102 8.30 -25.64 7.64
N THR D 103 9.49 -25.20 7.25
CA THR D 103 10.66 -26.07 7.02
C THR D 103 11.27 -26.47 8.36
N TYR D 104 11.17 -27.76 8.69
CA TYR D 104 11.63 -28.38 9.95
C TYR D 104 13.13 -28.16 10.07
N LYS D 105 13.58 -27.64 11.22
CA LYS D 105 15.00 -27.34 11.51
C LYS D 105 15.46 -28.18 12.70
N GLY D 106 14.55 -28.61 13.58
CA GLY D 106 14.87 -29.35 14.80
C GLY D 106 13.84 -29.08 15.87
N THR D 107 14.18 -29.38 17.12
CA THR D 107 13.29 -29.15 18.28
C THR D 107 14.02 -28.37 19.35
N VAL D 108 13.26 -27.78 20.26
CA VAL D 108 13.80 -27.20 21.51
C VAL D 108 12.82 -27.55 22.63
N THR D 109 13.35 -28.01 23.76
CA THR D 109 12.58 -28.37 24.97
C THR D 109 12.77 -27.23 25.95
N SER D 110 11.67 -26.65 26.43
CA SER D 110 11.65 -25.43 27.26
C SER D 110 10.36 -25.45 28.08
N ASP D 111 10.47 -25.15 29.37
CA ASP D 111 9.29 -24.82 30.21
C ASP D 111 8.33 -26.01 30.15
N GLY D 112 8.90 -27.22 30.21
CA GLY D 112 8.15 -28.47 30.40
C GLY D 112 7.58 -28.97 29.09
N GLY D 113 7.87 -28.31 27.96
CA GLY D 113 7.26 -28.69 26.69
C GLY D 113 8.30 -28.95 25.62
N THR D 114 7.87 -29.49 24.49
CA THR D 114 8.74 -29.66 23.31
C THR D 114 8.16 -28.84 22.16
N TYR D 115 9.02 -28.07 21.47
CA TYR D 115 8.64 -27.19 20.34
C TYR D 115 9.40 -27.67 19.11
N ASP D 116 8.69 -27.76 17.99
CA ASP D 116 9.30 -27.91 16.65
C ASP D 116 9.72 -26.53 16.18
N VAL D 117 10.92 -26.45 15.63
CA VAL D 117 11.48 -25.22 15.02
C VAL D 117 11.30 -25.32 13.52
N TYR D 118 10.66 -24.30 12.95
CA TYR D 118 10.37 -24.18 11.50
C TYR D 118 10.86 -22.82 11.03
N GLN D 119 11.25 -22.73 9.76
CA GLN D 119 11.53 -21.44 9.09
C GLN D 119 10.63 -21.32 7.87
N THR D 120 10.04 -20.14 7.65
CA THR D 120 9.21 -19.81 6.46
C THR D 120 9.63 -18.42 6.01
N THR D 121 9.14 -18.00 4.86
CA THR D 121 9.44 -16.67 4.30
C THR D 121 8.11 -16.05 3.87
N ARG D 122 7.91 -14.77 4.19
CA ARG D 122 6.89 -13.90 3.55
C ARG D 122 7.59 -13.06 2.50
N TYR D 123 6.93 -12.90 1.35
CA TYR D 123 7.43 -12.08 0.22
C TYR D 123 6.49 -10.89 0.09
N ASN D 124 7.05 -9.67 0.13
CA ASN D 124 6.35 -8.42 -0.25
C ASN D 124 5.05 -8.36 0.55
N ALA D 125 5.19 -8.50 1.86
CA ALA D 125 4.11 -8.72 2.84
C ALA D 125 4.10 -7.62 3.91
N PRO D 126 2.95 -7.40 4.58
CA PRO D 126 2.86 -6.41 5.65
C PRO D 126 3.92 -6.72 6.73
N SER D 127 4.55 -5.68 7.25
CA SER D 127 5.59 -5.77 8.30
C SER D 127 5.59 -4.48 9.10
N VAL D 128 6.28 -4.51 10.26
CA VAL D 128 6.61 -3.32 11.10
C VAL D 128 7.13 -2.17 10.24
N GLU D 129 7.84 -2.48 9.14
CA GLU D 129 8.48 -1.51 8.21
C GLU D 129 7.66 -1.35 6.91
N GLY D 130 6.38 -1.74 6.87
CA GLY D 130 5.58 -1.74 5.61
C GLY D 130 5.87 -2.97 4.75
N THR D 131 5.60 -2.89 3.44
CA THR D 131 5.71 -4.03 2.49
C THR D 131 7.16 -4.52 2.41
N LYS D 132 7.45 -5.75 2.83
CA LYS D 132 8.84 -6.29 2.80
C LYS D 132 8.83 -7.81 2.68
N THR D 133 9.98 -8.37 2.29
CA THR D 133 10.35 -9.80 2.34
C THR D 133 11.16 -10.08 3.61
N PHE D 134 10.83 -11.11 4.36
CA PHE D 134 11.48 -11.46 5.64
C PHE D 134 11.25 -12.93 5.99
N ASN D 135 12.23 -13.56 6.66
CA ASN D 135 12.06 -14.90 7.30
C ASN D 135 11.11 -14.75 8.49
N GLN D 136 10.41 -15.83 8.80
CA GLN D 136 9.66 -16.04 10.06
C GLN D 136 10.30 -17.21 10.78
N TYR D 137 10.62 -17.03 12.06
CA TYR D 137 11.21 -18.08 12.92
C TYR D 137 10.10 -18.56 13.83
N TRP D 138 9.93 -19.87 13.91
CA TRP D 138 8.81 -20.49 14.65
C TRP D 138 9.38 -21.50 15.64
N SER D 139 8.88 -21.45 16.87
CA SER D 139 8.86 -22.59 17.82
C SER D 139 7.40 -22.92 18.03
N VAL D 140 6.96 -24.14 17.66
CA VAL D 140 5.54 -24.56 17.79
C VAL D 140 5.46 -25.72 18.79
N ARG D 141 4.75 -25.50 19.90
CA ARG D 141 4.61 -26.48 21.01
C ARG D 141 3.92 -27.72 20.41
N GLN D 142 4.34 -28.89 20.85
CA GLN D 142 3.82 -30.17 20.28
C GLN D 142 2.48 -30.49 20.93
N SER D 143 2.12 -29.86 22.06
CA SER D 143 0.74 -29.90 22.57
C SER D 143 0.31 -28.50 23.07
N LYS D 144 -0.99 -28.24 22.98
CA LYS D 144 -1.60 -26.91 23.23
C LYS D 144 -1.58 -26.61 24.73
N ARG D 145 -1.30 -25.36 25.09
CA ARG D 145 -1.53 -24.89 26.48
C ARG D 145 -1.90 -23.40 26.45
N THR D 146 -2.48 -22.92 27.55
CA THR D 146 -2.69 -21.48 27.82
C THR D 146 -2.19 -21.21 29.24
N GLY D 147 -0.92 -20.84 29.35
CA GLY D 147 -0.33 -20.30 30.58
C GLY D 147 0.92 -21.06 30.96
N GLY D 148 1.75 -20.44 31.79
CA GLY D 148 3.05 -21.00 32.21
C GLY D 148 4.15 -20.02 31.87
N THR D 149 5.38 -20.50 31.74
CA THR D 149 6.56 -19.66 31.49
C THR D 149 7.06 -19.94 30.07
N ILE D 150 7.48 -18.88 29.35
CA ILE D 150 8.21 -18.98 28.06
C ILE D 150 9.59 -18.34 28.30
N THR D 151 10.61 -19.18 28.32
CA THR D 151 12.00 -18.73 28.53
C THR D 151 12.55 -18.44 27.12
N THR D 152 12.44 -17.19 26.67
CA THR D 152 12.68 -16.81 25.24
C THR D 152 14.10 -17.21 24.84
N GLY D 153 15.08 -17.06 25.72
CA GLY D 153 16.48 -17.31 25.35
C GLY D 153 16.70 -18.75 24.91
N ASN D 154 15.98 -19.70 25.48
CA ASN D 154 16.11 -21.13 25.08
C ASN D 154 15.72 -21.27 23.60
N HIS D 155 14.65 -20.59 23.17
CA HIS D 155 14.19 -20.59 21.76
C HIS D 155 15.21 -19.86 20.90
N PHE D 156 15.63 -18.66 21.31
CA PHE D 156 16.62 -17.83 20.59
C PHE D 156 17.91 -18.66 20.36
N ASP D 157 18.38 -19.39 21.37
CA ASP D 157 19.66 -20.17 21.27
C ASP D 157 19.44 -21.35 20.32
N ALA D 158 18.28 -22.04 20.43
CA ALA D 158 17.83 -23.13 19.54
C ALA D 158 17.84 -22.68 18.08
N TRP D 159 17.16 -21.58 17.78
CA TRP D 159 17.10 -21.00 16.40
C TRP D 159 18.53 -20.78 15.90
N ALA D 160 19.40 -20.18 16.72
CA ALA D 160 20.79 -19.82 16.32
C ALA D 160 21.58 -21.11 16.03
N ARG D 161 21.43 -22.14 16.88
CA ARG D 161 21.97 -23.51 16.63
C ARG D 161 21.61 -23.97 15.23
N TYR D 162 20.37 -23.76 14.78
CA TYR D 162 19.87 -24.34 13.50
C TYR D 162 20.09 -23.35 12.36
N GLY D 163 20.93 -22.34 12.54
CA GLY D 163 21.32 -21.40 11.46
C GLY D 163 20.28 -20.32 11.20
N MET D 164 19.35 -20.08 12.14
CA MET D 164 18.35 -19.00 12.01
C MET D 164 18.84 -17.83 12.88
N GLN D 165 19.53 -16.88 12.27
CA GLN D 165 20.25 -15.80 13.02
C GLN D 165 19.28 -14.66 13.26
N LEU D 166 19.10 -14.25 14.52
CA LEU D 166 18.23 -13.11 14.91
C LEU D 166 19.00 -11.81 14.68
N GLY D 167 18.34 -10.79 14.16
CA GLY D 167 18.85 -9.40 14.16
C GLY D 167 18.75 -8.80 15.55
N SER D 168 18.80 -7.47 15.63
CA SER D 168 18.68 -6.72 16.89
C SER D 168 17.23 -6.77 17.35
N PHE D 169 16.98 -7.02 18.64
CA PHE D 169 15.64 -6.95 19.26
C PHE D 169 15.23 -5.48 19.44
N SER D 170 15.18 -4.75 18.32
CA SER D 170 14.95 -3.28 18.27
C SER D 170 13.45 -2.99 18.24
N TYR D 171 12.62 -4.00 17.90
CA TYR D 171 11.13 -3.89 17.86
C TYR D 171 10.56 -4.56 19.12
N TYR D 172 9.26 -4.39 19.32
CA TYR D 172 8.49 -4.97 20.45
C TYR D 172 8.55 -6.50 20.47
N MET D 173 8.10 -7.03 21.59
CA MET D 173 7.97 -8.47 21.90
C MET D 173 6.77 -8.59 22.83
N ILE D 174 5.69 -9.20 22.36
CA ILE D 174 4.37 -9.23 23.03
C ILE D 174 3.87 -10.67 23.10
N LEU D 175 3.08 -10.96 24.14
CA LEU D 175 2.24 -12.18 24.22
C LEU D 175 1.00 -11.90 23.38
N ALA D 176 0.98 -12.42 22.16
CA ALA D 176 0.03 -12.03 21.08
C ALA D 176 -1.04 -13.10 20.89
N THR D 177 -2.27 -12.63 20.59
CA THR D 177 -3.37 -13.34 19.89
C THR D 177 -3.35 -12.97 18.41
N GLU D 178 -3.32 -13.93 17.47
CA GLU D 178 -3.33 -13.65 16.01
C GLU D 178 -4.50 -14.41 15.37
N GLY D 179 -5.33 -13.74 14.57
CA GLY D 179 -6.48 -14.35 13.86
C GLY D 179 -6.24 -14.39 12.35
N TYR D 180 -6.69 -15.46 11.67
CA TYR D 180 -6.65 -15.59 10.19
C TYR D 180 -8.03 -16.02 9.67
N GLN D 181 -8.78 -15.13 9.03
CA GLN D 181 -10.07 -15.51 8.41
C GLN D 181 -10.90 -16.32 9.39
N SER D 182 -11.14 -15.79 10.59
CA SER D 182 -11.69 -16.55 11.73
C SER D 182 -12.46 -15.63 12.69
N SER D 183 -13.07 -16.22 13.70
CA SER D 183 -13.70 -15.54 14.85
C SER D 183 -13.04 -16.10 16.10
N GLY D 184 -13.17 -15.41 17.22
CA GLY D 184 -12.74 -15.97 18.51
C GLY D 184 -12.61 -14.91 19.59
N SER D 185 -12.03 -15.32 20.71
CA SER D 185 -11.84 -14.51 21.93
C SER D 185 -10.55 -14.98 22.61
N SER D 186 -9.92 -14.09 23.36
CA SER D 186 -8.79 -14.42 24.28
C SER D 186 -8.84 -13.45 25.45
N ASN D 187 -8.25 -13.87 26.56
CA ASN D 187 -8.11 -13.06 27.79
C ASN D 187 -6.82 -13.56 28.44
N LEU D 188 -5.79 -12.72 28.40
CA LEU D 188 -4.41 -13.13 28.76
C LEU D 188 -3.83 -12.09 29.70
N THR D 189 -3.07 -12.56 30.69
CA THR D 189 -2.33 -11.72 31.65
C THR D 189 -0.86 -12.08 31.52
N VAL D 190 -0.03 -11.09 31.17
CA VAL D 190 1.44 -11.21 31.02
C VAL D 190 2.09 -10.61 32.26
N SER D 191 3.34 -11.02 32.56
CA SER D 191 4.24 -10.43 33.59
C SER D 191 5.69 -10.93 33.42
O1 XYP E . 1.34 -29.02 -14.01
C1 XYP E . 0.12 -29.68 -14.31
C2 XYP E . 0.18 -30.53 -15.59
C3 XYP E . -1.19 -31.15 -15.81
C4 XYP E . -1.96 -31.58 -14.53
C5 XYP E . -1.48 -30.96 -13.23
O2 XYP E . 0.53 -29.79 -16.79
O3 XYP E . -0.91 -32.26 -16.67
O4 XYP E . -3.34 -31.15 -14.61
O5 XYP E . -0.10 -30.57 -13.25
C1 XYP E . -4.29 -32.05 -14.06
C2 XYP E . -5.49 -31.24 -13.59
C3 XYP E . -6.63 -32.16 -13.19
C4 XYP E . -6.92 -33.22 -14.25
C5 XYP E . -5.64 -33.91 -14.71
O2 XYP E . -5.18 -30.41 -12.47
O3 XYP E . -7.79 -31.35 -12.93
O4 XYP E . -7.78 -34.21 -13.66
O5 XYP E . -4.69 -32.94 -15.08
C1 XYP E . -8.47 -35.11 -14.53
C2 XYP E . -8.87 -36.37 -13.76
C3 XYP E . -9.47 -37.38 -14.74
C4 XYP E . -10.57 -36.76 -15.61
C5 XYP E . -10.28 -35.32 -16.07
O2 XYP E . -7.75 -36.96 -13.10
O3 XYP E . -9.91 -38.64 -14.15
O4 XYP E . -10.67 -37.68 -16.69
O5 XYP E . -9.68 -34.52 -15.04
O5 AHR E . -11.26 -35.98 -10.18
C5 AHR E . -11.76 -37.32 -10.22
C4 AHR E . -11.06 -38.08 -11.35
O4 AHR E . -11.55 -37.68 -12.65
C3 AHR E . -11.18 -39.61 -11.28
O3 AHR E . -10.00 -40.11 -10.61
C2 AHR E . -11.30 -40.02 -12.75
O2 AHR E . -12.49 -40.68 -13.08
C1 AHR E . -11.23 -38.73 -13.57
C1 XYP E . -11.91 -37.64 -17.39
C2 XYP E . -11.76 -38.49 -18.65
C3 XYP E . -13.00 -38.35 -19.51
C4 XYP E . -14.22 -38.71 -18.67
C5 XYP E . -14.24 -37.99 -17.30
O2 XYP E . -10.61 -38.06 -19.36
O3 XYP E . -12.92 -39.22 -20.64
O4 XYP E . -15.38 -38.33 -19.43
O5 XYP E . -13.01 -38.13 -16.60
O1 XYP F . -5.18 10.70 -20.50
C1 XYP F . -5.69 10.18 -19.25
C2 XYP F . -5.65 8.65 -19.20
C3 XYP F . -5.83 8.00 -17.79
C4 XYP F . -5.33 8.85 -16.60
C5 XYP F . -5.38 10.35 -16.92
O2 XYP F . -6.65 8.06 -20.05
O3 XYP F . -5.17 6.73 -17.77
O4 XYP F . -6.19 8.57 -15.49
O5 XYP F . -4.83 10.65 -18.22
C1 XYP F . -5.64 8.70 -14.18
C2 XYP F . -6.64 9.45 -13.26
C3 XYP F . -6.18 9.38 -11.81
C4 XYP F . -5.84 7.92 -11.45
C5 XYP F . -4.92 7.24 -12.46
O2 XYP F . -6.82 10.84 -13.61
O3 XYP F . -7.20 9.93 -10.97
O4 XYP F . -5.16 7.94 -10.20
O5 XYP F . -5.42 7.34 -13.76
C1 XYP F . -5.16 6.70 -9.49
C2 XYP F . -3.90 6.73 -8.65
C3 XYP F . -3.82 5.46 -7.85
C4 XYP F . -5.09 5.35 -7.04
C5 XYP F . -6.30 5.33 -7.95
O2 XYP F . -2.75 6.83 -9.48
O3 XYP F . -2.67 5.57 -7.00
O4 XYP F . -5.03 4.18 -6.23
O5 XYP F . -6.33 6.57 -8.67
O5 AHR F . -0.88 1.27 -3.98
C5 AHR F . -0.37 2.18 -4.96
C4 AHR F . -1.26 3.44 -5.03
O4 AHR F . -2.10 3.38 -6.21
C3 AHR F . -0.39 4.71 -5.13
O3 AHR F . -0.94 5.82 -4.40
C2 AHR F . -0.38 4.96 -6.63
O2 AHR F . 0.72 4.26 -7.24
C1 AHR F . -1.75 4.45 -7.09
C1 XYP F . -5.71 4.42 -5.01
C2 XYP F . -6.44 3.14 -4.59
C3 XYP F . -7.41 3.58 -3.51
C4 XYP F . -6.56 4.09 -2.34
C5 XYP F . -5.56 5.19 -2.76
O2 XYP F . -7.08 2.48 -5.70
O3 XYP F . -8.25 2.49 -3.12
O4 XYP F . -7.44 4.55 -1.31
O5 XYP F . -4.83 4.82 -3.95
O1 XYP G . 8.97 23.90 16.20
C1 XYP G . 8.08 24.13 15.08
C2 XYP G . 6.63 24.48 15.49
C3 XYP G . 5.75 24.95 14.32
C4 XYP G . 6.53 25.80 13.29
C5 XYP G . 7.98 25.36 13.07
O2 XYP G . 5.98 23.32 16.00
O3 XYP G . 4.58 25.67 14.81
O4 XYP G . 5.90 25.63 12.01
O5 XYP G . 8.60 25.24 14.35
C1 XYP G . 5.93 26.70 11.12
C2 XYP G . 6.30 26.15 9.76
C3 XYP G . 6.19 27.24 8.71
C4 XYP G . 4.86 27.97 8.83
C5 XYP G . 4.50 28.36 10.27
O2 XYP G . 7.66 25.67 9.81
O3 XYP G . 6.38 26.71 7.38
O4 XYP G . 4.90 29.15 8.02
O5 XYP G . 4.63 27.23 11.11
C1 XYP G . 3.63 29.67 7.64
C2 XYP G . 3.80 31.15 7.29
C3 XYP G . 2.58 31.75 6.60
C4 XYP G . 2.29 30.92 5.35
C5 XYP G . 2.03 29.48 5.80
O2 XYP G . 4.11 31.87 8.48
O3 XYP G . 2.88 33.10 6.18
O4 XYP G . 1.27 31.52 4.50
O5 XYP G . 3.17 28.96 6.49
O5 AHR G . -1.72 35.32 6.32
C5 AHR G . -0.62 36.17 6.03
C4 AHR G . 0.50 35.33 5.41
O4 AHR G . 0.70 34.15 6.21
C3 AHR G . 1.82 36.07 5.34
O3 AHR G . 2.47 35.84 4.09
C2 AHR G . 2.64 35.50 6.49
O2 AHR G . 2.53 36.31 7.66
C1 AHR G . 2.03 34.12 6.76
C1 XYP G . -0.03 30.96 4.39
C2 XYP G . -0.96 31.49 5.51
C3 XYP G . -2.35 30.84 5.35
C4 XYP G . -2.86 31.32 3.98
C5 XYP G . -1.91 30.83 2.86
O2 XYP G . -0.44 31.28 6.84
O3 XYP G . -3.21 31.18 6.44
O4 XYP G . -4.21 30.88 3.73
O5 XYP G . -0.57 31.28 3.08
CL CL H . 10.03 -11.14 -4.79
CL CL I . -3.92 -6.30 -5.29
CL CL J . 4.61 -15.15 0.96
CL CL K . 0.78 -22.56 -30.66
CL CL L . 5.87 -6.89 -9.68
CL CL M . -18.99 -22.30 -8.82
CL CL N . 11.53 -16.67 -25.03
CL CL O . 7.29 -25.72 -24.26
CL CL P . -16.86 -19.22 -22.49
CL CL Q . -10.48 -38.03 -0.18
CL CL R . -19.25 -32.25 -3.62
CL CL S . -21.55 -26.24 -1.46
CL CL T . -20.46 -28.25 1.93
CL CL U . -14.03 -29.01 -14.69
CL CL V . 3.48 -28.97 -16.71
CL CL W . 5.10 -19.09 -29.74
CL CL X . 5.88 -5.80 -23.28
NA NA Y . -1.54 -18.92 -30.32
CL CL Z . 3.14 -16.96 2.90
CL CL AA . -3.20 3.61 -11.75
CL CL BA . 4.50 23.04 -26.07
CL CL CA . -4.80 26.44 -28.79
CL CL DA . -20.26 25.13 -30.73
CL CL EA . -4.09 2.74 -24.41
CL CL FA . 3.78 11.86 -8.09
CL CL GA . 6.51 10.39 -22.08
CL CL HA . -17.42 17.12 -2.83
CL CL IA . -12.52 9.28 -6.33
CL CL JA . -27.47 10.36 -15.46
CL CL KA . -8.84 31.35 -22.44
CL CL LA . -29.31 17.51 -28.31
CL CL MA . -23.15 28.49 -21.06
CL CL NA . -12.73 27.06 -32.43
CL CL OA . -26.98 12.22 -10.32
CL CL PA . -1.96 -1.67 -11.16
CL CL QA . 14.95 37.91 3.05
CL CL RA . 7.07 33.71 0.03
CL CL SA . 2.96 7.19 2.43
CL CL TA . 28.20 17.42 11.82
CL CL UA . 17.11 0.67 5.06
CL CL VA . 18.95 -0.40 8.66
CL CL WA . 21.01 4.46 15.73
CL CL XA . 2.20 16.87 23.41
CL CL YA . -6.52 26.19 17.35
CL CL ZA . 24.73 10.34 19.82
CL CL AB . 22.46 5.77 4.86
CL CL BB . -0.80 12.58 -0.77
CL CL CB . 1.52 30.96 10.88
CL CL DB . 14.10 0.10 2.45
CL CL EB . 2.27 -2.90 6.60
CL CL FB . -7.26 0.89 11.81
CL CL GB . 8.68 -2.18 27.95
CL CL HB . 19.75 -14.01 22.18
CL CL IB . -7.51 -21.88 27.01
CL CL JB . 16.55 -7.42 6.31
CL CL KB . 5.84 -23.43 32.49
CL CL LB . 4.60 -30.23 24.48
CL CL MB . 8.42 -19.97 2.48
CL CL NB . -1.61 -15.59 6.51
CL CL OB . 14.01 -22.86 5.50
#